data_5SAI
#
_entry.id   5SAI
#
_cell.length_a   149.947
_cell.length_b   149.947
_cell.length_c   112.860
_cell.angle_alpha   90.000
_cell.angle_beta   90.000
_cell.angle_gamma   120.000
#
_symmetry.space_group_name_H-M   'P 63'
#
loop_
_entity.id
_entity.type
_entity.pdbx_description
1 polymer 'Uridylate-specific endoribonuclease'
2 non-polymer N-{2-[(propan-2-yl)sulfanyl]phenyl}urea
3 water water
#
_entity_poly.entity_id   1
_entity_poly.type   'polypeptide(L)'
_entity_poly.pdbx_seq_one_letter_code
;GAMSLENVAFNVVNKGHFDGQQGEVPVSIINNTVYTKVDGVDVELFENKTTLPVNVAFELWAKRNIKPVPEVKILNNLGV
DIAANTVIWDYKRDAPAHISTIGVCSMTDIAKKPTETICAPLTVFFDGRVDGQVDLFRNARNGVLITEGSVKGLQPSVGP
KQASLNGVTLIGEAVKTQFNYYKKVDGVVQQLPETYFTQSRNLQEFKPRSQMEIDFLELAMDEFIERYKLEGYAFEHIVY
GDFSHSQLGGLHLLIGLAKRFKESPFELEDFIPMDSTVKNYFITDAQTGSSKCVCSVIDLLLDDFVEIIKSQDLSVVSKV
VKVTIDYTEISFMLWCKDGHVETFYPKLQ
;
_entity_poly.pdbx_strand_id   A,B
#
# COMPACT_ATOMS: atom_id res chain seq x y z
N ALA A 2 -10.97 2.83 34.94
CA ALA A 2 -10.94 2.26 36.30
C ALA A 2 -10.36 0.85 36.24
N MET A 3 -9.09 0.78 35.83
CA MET A 3 -8.34 -0.47 35.74
C MET A 3 -8.06 -1.06 37.13
N SER A 4 -8.22 -2.37 37.26
CA SER A 4 -7.96 -3.07 38.52
C SER A 4 -7.60 -4.53 38.31
N LEU A 5 -6.97 -5.15 39.31
CA LEU A 5 -6.62 -6.56 39.28
C LEU A 5 -7.89 -7.42 39.13
N GLU A 6 -8.90 -7.08 39.92
CA GLU A 6 -10.18 -7.77 39.98
C GLU A 6 -10.96 -7.64 38.69
N ASN A 7 -10.84 -6.49 38.00
CA ASN A 7 -11.47 -6.26 36.72
C ASN A 7 -10.77 -7.03 35.62
N VAL A 8 -9.40 -7.06 35.63
CA VAL A 8 -8.61 -7.85 34.69
C VAL A 8 -9.01 -9.33 34.83
N ALA A 9 -9.01 -9.85 36.06
CA ALA A 9 -9.43 -11.22 36.36
C ALA A 9 -10.88 -11.51 35.91
N PHE A 10 -11.81 -10.58 36.11
CA PHE A 10 -13.19 -10.70 35.66
C PHE A 10 -13.22 -10.87 34.12
N ASN A 11 -12.45 -10.04 33.40
CA ASN A 11 -12.38 -10.08 31.96
C ASN A 11 -11.81 -11.41 31.50
N VAL A 12 -10.72 -11.89 32.13
CA VAL A 12 -10.11 -13.17 31.80
C VAL A 12 -11.11 -14.32 32.00
N VAL A 13 -11.77 -14.38 33.15
CA VAL A 13 -12.74 -15.42 33.47
C VAL A 13 -13.96 -15.41 32.53
N ASN A 14 -14.51 -14.23 32.21
CA ASN A 14 -15.72 -14.15 31.40
C ASN A 14 -15.53 -14.06 29.90
N LYS A 15 -14.46 -13.40 29.46
CA LYS A 15 -14.18 -13.12 28.07
C LYS A 15 -12.96 -13.84 27.49
N GLY A 16 -12.22 -14.58 28.31
CA GLY A 16 -11.03 -15.30 27.86
C GLY A 16 -9.78 -14.44 27.69
N HIS A 17 -9.90 -13.14 27.96
CA HIS A 17 -8.83 -12.13 27.81
C HIS A 17 -9.40 -10.75 28.22
N PHE A 18 -8.55 -9.71 28.29
CA PHE A 18 -9.05 -8.38 28.60
C PHE A 18 -9.88 -7.85 27.43
N ASP A 19 -11.14 -7.47 27.70
CA ASP A 19 -12.10 -7.03 26.70
C ASP A 19 -12.86 -5.74 27.09
N GLY A 20 -12.32 -4.97 28.02
CA GLY A 20 -12.87 -3.71 28.49
C GLY A 20 -14.21 -3.80 29.21
N GLN A 21 -14.60 -5.01 29.62
CA GLN A 21 -15.86 -5.23 30.32
C GLN A 21 -15.79 -4.78 31.77
N GLN A 22 -16.92 -4.37 32.30
CA GLN A 22 -17.00 -3.93 33.69
C GLN A 22 -17.29 -5.14 34.57
N GLY A 23 -16.73 -5.16 35.76
CA GLY A 23 -16.97 -6.27 36.68
C GLY A 23 -15.73 -6.66 37.46
N GLU A 24 -15.91 -7.42 38.55
CA GLU A 24 -14.82 -7.84 39.42
C GLU A 24 -15.03 -9.27 39.89
N VAL A 25 -13.96 -10.07 39.92
CA VAL A 25 -13.96 -11.41 40.51
C VAL A 25 -12.91 -11.43 41.64
N PRO A 26 -13.16 -12.18 42.73
CA PRO A 26 -12.16 -12.23 43.81
C PRO A 26 -10.90 -12.96 43.36
N VAL A 27 -9.74 -12.40 43.73
CA VAL A 27 -8.46 -12.92 43.30
C VAL A 27 -7.52 -13.15 44.47
N SER A 28 -6.69 -14.21 44.38
CA SER A 28 -5.63 -14.49 45.35
C SER A 28 -4.31 -14.39 44.62
N ILE A 29 -3.35 -13.70 45.23
CA ILE A 29 -2.00 -13.67 44.68
C ILE A 29 -1.07 -14.42 45.61
N ILE A 30 -0.51 -15.52 45.13
CA ILE A 30 0.40 -16.31 45.96
C ILE A 30 1.47 -16.86 45.06
N ASN A 31 2.73 -16.97 45.49
N ASN A 31 2.57 -16.20 45.44
CA ASN A 31 3.85 -17.61 44.72
CA ASN A 31 3.93 -16.07 45.00
C ASN A 31 3.83 -17.47 43.14
C ASN A 31 3.90 -15.43 43.65
N ASN A 32 3.93 -16.22 42.62
CA ASN A 32 3.90 -15.77 41.23
C ASN A 32 2.71 -16.28 40.45
N THR A 33 1.61 -16.56 41.14
CA THR A 33 0.43 -17.11 40.52
C THR A 33 -0.81 -16.32 40.95
N VAL A 34 -1.73 -16.14 40.01
CA VAL A 34 -3.00 -15.48 40.23
C VAL A 34 -4.09 -16.57 40.26
N TYR A 35 -4.89 -16.60 41.33
CA TYR A 35 -5.96 -17.55 41.49
C TYR A 35 -7.29 -16.83 41.60
N THR A 36 -8.38 -17.55 41.35
CA THR A 36 -9.74 -17.06 41.54
C THR A 36 -10.55 -18.18 42.21
N LYS A 37 -11.43 -17.82 43.14
CA LYS A 37 -12.25 -18.83 43.81
C LYS A 37 -13.37 -19.30 42.87
N VAL A 38 -13.50 -20.63 42.67
CA VAL A 38 -14.55 -21.29 41.88
C VAL A 38 -14.96 -22.54 42.63
N ASP A 39 -16.26 -22.72 42.91
CA ASP A 39 -16.76 -23.91 43.66
C ASP A 39 -16.09 -24.05 45.04
N GLY A 40 -15.75 -22.92 45.64
CA GLY A 40 -15.11 -22.84 46.94
C GLY A 40 -13.60 -22.98 46.93
N VAL A 41 -13.01 -23.41 45.81
CA VAL A 41 -11.55 -23.62 45.76
C VAL A 41 -10.82 -22.69 44.76
N ASP A 42 -9.52 -22.53 44.96
CA ASP A 42 -8.70 -21.67 44.13
C ASP A 42 -8.35 -22.32 42.81
N VAL A 43 -8.57 -21.58 41.72
CA VAL A 43 -8.27 -22.05 40.37
C VAL A 43 -7.26 -21.09 39.78
N GLU A 44 -6.18 -21.63 39.23
CA GLU A 44 -5.12 -20.86 38.63
C GLU A 44 -5.52 -20.13 37.34
N LEU A 45 -5.40 -18.81 37.34
CA LEU A 45 -5.69 -17.99 36.17
C LEU A 45 -4.43 -17.69 35.39
N PHE A 46 -3.29 -17.48 36.10
CA PHE A 46 -2.05 -17.12 35.44
C PHE A 46 -0.83 -17.44 36.30
N GLU A 47 0.22 -17.94 35.67
CA GLU A 47 1.48 -18.18 36.35
C GLU A 47 2.50 -17.26 35.70
N ASN A 48 3.05 -16.36 36.49
CA ASN A 48 4.03 -15.43 36.06
C ASN A 48 5.37 -16.09 35.78
N LYS A 49 5.74 -16.12 34.50
CA LYS A 49 7.04 -16.59 34.01
C LYS A 49 7.93 -15.38 33.59
N THR A 50 7.52 -14.15 33.92
CA THR A 50 8.21 -12.92 33.55
C THR A 50 9.03 -12.37 34.73
N THR A 51 9.86 -11.36 34.47
CA THR A 51 10.61 -10.66 35.50
C THR A 51 9.83 -9.42 36.05
N LEU A 52 8.59 -9.21 35.59
CA LEU A 52 7.70 -8.15 36.07
C LEU A 52 6.98 -8.68 37.31
N PRO A 53 6.46 -7.77 38.16
CA PRO A 53 5.61 -8.23 39.29
C PRO A 53 4.39 -9.01 38.75
N VAL A 54 3.95 -10.07 39.47
CA VAL A 54 2.89 -11.00 39.10
C VAL A 54 1.61 -10.34 38.59
N ASN A 55 1.11 -9.29 39.28
CA ASN A 55 -0.12 -8.61 38.91
C ASN A 55 0.04 -7.75 37.65
N VAL A 56 1.24 -7.19 37.47
CA VAL A 56 1.56 -6.40 36.31
C VAL A 56 1.63 -7.35 35.09
N ALA A 57 2.34 -8.48 35.23
CA ALA A 57 2.45 -9.44 34.11
C ALA A 57 1.11 -10.04 33.71
N PHE A 58 0.23 -10.27 34.71
CA PHE A 58 -1.10 -10.80 34.52
C PHE A 58 -1.90 -9.83 33.66
N GLU A 59 -1.84 -8.54 33.99
CA GLU A 59 -2.55 -7.53 33.22
C GLU A 59 -2.05 -7.41 31.76
N LEU A 60 -0.73 -7.41 31.52
CA LEU A 60 -0.19 -7.33 30.16
C LEU A 60 -0.55 -8.58 29.35
N TRP A 61 -0.54 -9.74 29.99
CA TRP A 61 -0.90 -10.99 29.33
C TRP A 61 -2.41 -10.96 28.98
N ALA A 62 -3.27 -10.49 29.89
CA ALA A 62 -4.69 -10.33 29.61
C ALA A 62 -4.90 -9.36 28.45
N LYS A 63 -4.08 -8.27 28.41
CA LYS A 63 -4.17 -7.23 27.39
C LYS A 63 -3.37 -7.51 26.12
N ARG A 64 -2.95 -8.76 25.91
CA ARG A 64 -2.18 -9.16 24.74
C ARG A 64 -3.02 -9.02 23.48
N ASN A 65 -2.32 -8.80 22.37
CA ASN A 65 -2.92 -8.67 21.05
C ASN A 65 -3.41 -10.05 20.63
N ILE A 66 -4.72 -10.18 20.41
CA ILE A 66 -5.30 -11.44 19.97
C ILE A 66 -5.58 -11.51 18.47
N LYS A 67 -4.97 -10.60 17.68
CA LYS A 67 -5.08 -10.61 16.23
C LYS A 67 -3.80 -11.22 15.69
N PRO A 68 -3.74 -11.71 14.42
CA PRO A 68 -2.46 -12.19 13.86
C PRO A 68 -1.46 -11.04 13.87
N VAL A 69 -0.32 -11.20 14.55
CA VAL A 69 0.68 -10.15 14.64
C VAL A 69 2.02 -10.64 14.09
N PRO A 70 2.94 -9.75 13.66
CA PRO A 70 4.26 -10.24 13.21
C PRO A 70 4.96 -11.06 14.29
N GLU A 71 5.70 -12.11 13.89
CA GLU A 71 6.46 -12.92 14.83
C GLU A 71 7.51 -12.07 15.51
N VAL A 72 7.75 -12.28 16.81
CA VAL A 72 8.69 -11.46 17.60
C VAL A 72 10.09 -11.32 16.90
N LYS A 73 10.61 -12.37 16.23
CA LYS A 73 11.87 -12.29 15.51
C LYS A 73 11.89 -11.18 14.43
N ILE A 74 10.74 -10.95 13.74
CA ILE A 74 10.60 -9.90 12.74
C ILE A 74 10.64 -8.51 13.40
N LEU A 75 9.87 -8.34 14.49
CA LEU A 75 9.81 -7.09 15.25
C LEU A 75 11.20 -6.74 15.79
N ASN A 76 11.92 -7.73 16.30
CA ASN A 76 13.28 -7.58 16.80
C ASN A 76 14.22 -7.19 15.69
N ASN A 77 14.13 -7.88 14.53
CA ASN A 77 14.99 -7.61 13.37
C ASN A 77 14.78 -6.22 12.81
N LEU A 78 13.54 -5.68 12.93
CA LEU A 78 13.16 -4.34 12.50
C LEU A 78 13.41 -3.26 13.56
N GLY A 79 14.00 -3.62 14.70
CA GLY A 79 14.34 -2.69 15.76
C GLY A 79 13.19 -2.14 16.57
N VAL A 80 12.08 -2.89 16.68
CA VAL A 80 10.89 -2.46 17.43
C VAL A 80 11.20 -2.43 18.93
N ASP A 81 10.95 -1.28 19.57
CA ASP A 81 11.21 -1.09 21.00
C ASP A 81 9.96 -1.28 21.86
N ILE A 82 8.83 -0.83 21.36
CA ILE A 82 7.56 -0.78 22.09
C ILE A 82 6.40 -0.86 21.07
N ALA A 83 5.19 -1.15 21.53
CA ALA A 83 4.02 -1.20 20.65
C ALA A 83 3.05 -0.08 21.03
N ALA A 84 2.34 0.46 20.04
CA ALA A 84 1.36 1.51 20.29
C ALA A 84 0.02 0.93 20.73
N ASN A 85 -0.31 1.10 22.01
CA ASN A 85 -1.58 0.74 22.63
C ASN A 85 -1.98 -0.72 22.52
N THR A 86 -1.01 -1.61 22.63
CA THR A 86 -1.21 -3.06 22.61
C THR A 86 -0.02 -3.75 23.30
N VAL A 87 -0.15 -5.05 23.57
CA VAL A 87 0.92 -5.85 24.11
C VAL A 87 1.19 -6.96 23.10
N ILE A 88 2.40 -7.00 22.54
CA ILE A 88 2.79 -8.12 21.69
C ILE A 88 3.32 -9.19 22.67
N TRP A 89 2.59 -10.29 22.84
CA TRP A 89 2.99 -11.34 23.76
C TRP A 89 3.96 -12.31 23.10
N ASP A 90 5.07 -12.56 23.78
CA ASP A 90 6.08 -13.48 23.31
C ASP A 90 5.71 -14.83 23.95
N TYR A 91 5.09 -15.71 23.18
CA TYR A 91 4.68 -17.01 23.66
C TYR A 91 5.83 -17.99 23.84
N LYS A 92 6.98 -17.76 23.18
CA LYS A 92 8.16 -18.58 23.33
C LYS A 92 8.83 -18.27 24.68
N ARG A 93 8.81 -17.00 25.11
CA ARG A 93 9.36 -16.61 26.39
C ARG A 93 8.31 -16.56 27.50
N ASP A 94 7.01 -16.68 27.18
CA ASP A 94 5.89 -16.52 28.15
C ASP A 94 6.00 -15.17 28.85
N ALA A 95 6.26 -14.12 28.08
CA ALA A 95 6.46 -12.77 28.59
C ALA A 95 6.16 -11.72 27.53
N PRO A 96 6.01 -10.44 27.92
CA PRO A 96 5.78 -9.41 26.91
C PRO A 96 7.01 -9.29 25.98
N ALA A 97 6.82 -9.11 24.67
CA ALA A 97 7.93 -8.94 23.73
C ALA A 97 8.75 -7.67 24.03
N HIS A 98 8.12 -6.65 24.64
CA HIS A 98 8.75 -5.34 24.92
C HIS A 98 8.69 -4.98 26.39
N ILE A 99 9.72 -4.25 26.87
CA ILE A 99 9.86 -3.83 28.27
C ILE A 99 8.72 -2.95 28.74
N SER A 100 8.41 -1.88 27.96
CA SER A 100 7.40 -0.92 28.34
C SER A 100 6.17 -0.96 27.46
N THR A 101 5.13 -0.23 27.88
CA THR A 101 3.90 -0.13 27.12
C THR A 101 3.52 1.35 26.86
N ILE A 102 2.57 1.56 25.94
CA ILE A 102 2.01 2.86 25.62
C ILE A 102 0.50 2.68 25.70
N GLY A 103 -0.15 3.32 26.65
CA GLY A 103 -1.60 3.23 26.83
C GLY A 103 -2.19 1.87 27.17
N VAL A 104 -1.43 1.01 27.82
CA VAL A 104 -1.89 -0.34 28.18
C VAL A 104 -2.08 -0.58 29.70
N CYS A 105 -1.06 -0.31 30.49
CA CYS A 105 -1.06 -0.64 31.91
C CYS A 105 -0.32 0.48 32.65
N SER A 106 -0.88 0.98 33.75
CA SER A 106 -0.27 2.09 34.48
C SER A 106 1.11 1.82 35.04
N MET A 107 1.41 0.55 35.40
CA MET A 107 2.72 0.19 35.92
C MET A 107 3.82 0.14 34.87
N THR A 108 3.50 -0.19 33.61
CA THR A 108 4.51 -0.32 32.56
C THR A 108 4.52 0.83 31.56
N ASP A 109 3.45 1.64 31.53
CA ASP A 109 3.29 2.74 30.61
C ASP A 109 4.33 3.79 30.72
N ILE A 110 4.92 4.15 29.60
CA ILE A 110 5.82 5.28 29.53
C ILE A 110 5.10 6.53 28.99
N ALA A 111 3.93 6.32 28.34
CA ALA A 111 3.07 7.30 27.73
C ALA A 111 1.67 6.69 27.60
N LYS A 112 0.64 7.53 27.43
CA LYS A 112 -0.73 7.08 27.16
C LYS A 112 -0.93 6.99 25.63
N LYS A 113 -0.29 7.89 24.86
CA LYS A 113 -0.35 7.94 23.40
C LYS A 113 1.07 7.96 22.80
N PRO A 114 1.31 7.32 21.63
CA PRO A 114 2.67 7.35 21.06
C PRO A 114 3.15 8.72 20.55
N THR A 115 2.30 9.74 20.62
CA THR A 115 2.63 11.11 20.23
C THR A 115 3.44 11.84 21.31
N GLU A 116 3.51 11.29 22.55
CA GLU A 116 4.26 11.89 23.64
C GLU A 116 5.75 11.85 23.34
N THR A 117 6.48 12.91 23.70
CA THR A 117 7.89 13.08 23.37
C THR A 117 8.78 11.93 23.82
N ILE A 118 8.42 11.19 24.89
CA ILE A 118 9.21 10.02 25.31
C ILE A 118 9.29 8.94 24.21
N CYS A 119 8.28 8.87 23.34
CA CYS A 119 8.20 7.85 22.30
C CYS A 119 8.94 8.21 21.03
N ALA A 120 9.29 9.50 20.85
CA ALA A 120 9.97 9.97 19.65
C ALA A 120 11.24 9.19 19.34
N PRO A 121 12.15 8.96 20.32
CA PRO A 121 13.37 8.19 20.03
C PRO A 121 13.22 6.68 19.88
N LEU A 122 12.09 6.12 20.33
CA LEU A 122 11.85 4.69 20.29
C LEU A 122 11.18 4.27 19.02
N THR A 123 11.50 3.09 18.48
CA THR A 123 10.79 2.57 17.31
C THR A 123 9.47 1.94 17.79
N VAL A 124 8.36 2.66 17.54
CA VAL A 124 7.05 2.25 17.98
C VAL A 124 6.38 1.38 16.92
N PHE A 125 5.78 0.24 17.32
CA PHE A 125 5.05 -0.62 16.39
C PHE A 125 3.64 -0.05 16.24
N PHE A 126 3.19 0.12 14.99
CA PHE A 126 1.90 0.64 14.60
C PHE A 126 1.21 -0.41 13.75
N ASP A 127 -0.09 -0.54 13.96
CA ASP A 127 -0.96 -1.52 13.33
C ASP A 127 -2.04 -0.76 12.54
N GLY A 128 -1.86 -0.74 11.23
CA GLY A 128 -2.77 -0.10 10.29
C GLY A 128 -4.20 -0.60 10.36
N ARG A 129 -4.40 -1.80 10.95
CA ARG A 129 -5.74 -2.37 11.17
C ARG A 129 -6.52 -1.62 12.29
N VAL A 130 -5.82 -0.88 13.16
CA VAL A 130 -6.41 -0.08 14.23
C VAL A 130 -6.54 1.34 13.70
N ASP A 131 -7.71 1.94 13.84
CA ASP A 131 -7.97 3.31 13.39
C ASP A 131 -7.00 4.33 13.98
N GLY A 132 -6.48 5.20 13.10
CA GLY A 132 -5.56 6.28 13.43
C GLY A 132 -4.08 5.92 13.55
N GLN A 133 -3.72 4.63 13.36
CA GLN A 133 -2.33 4.21 13.58
C GLN A 133 -1.42 4.47 12.38
N VAL A 134 -1.97 4.49 11.16
CA VAL A 134 -1.16 4.86 9.99
C VAL A 134 -0.73 6.35 10.13
N ASP A 135 -1.63 7.21 10.60
CA ASP A 135 -1.37 8.63 10.81
C ASP A 135 -0.40 8.85 11.94
N LEU A 136 -0.48 8.01 13.00
CA LEU A 136 0.46 8.10 14.12
C LEU A 136 1.85 7.68 13.69
N PHE A 137 1.98 6.73 12.73
CA PHE A 137 3.25 6.32 12.18
C PHE A 137 3.80 7.49 11.37
N ARG A 138 2.95 8.13 10.52
CA ARG A 138 3.36 9.29 9.73
C ARG A 138 3.93 10.42 10.59
N ASN A 139 3.39 10.60 11.80
CA ASN A 139 3.86 11.65 12.68
C ASN A 139 5.00 11.20 13.63
N ALA A 140 5.18 9.87 13.82
CA ALA A 140 6.23 9.31 14.69
C ALA A 140 7.61 9.51 14.14
N ARG A 141 8.57 9.90 14.99
CA ARG A 141 9.95 10.04 14.56
C ARG A 141 10.51 8.65 14.19
N ASN A 142 10.20 7.62 15.02
CA ASN A 142 10.65 6.25 14.80
C ASN A 142 9.51 5.28 14.90
N GLY A 143 9.45 4.33 13.98
CA GLY A 143 8.37 3.36 13.99
C GLY A 143 8.39 2.31 12.92
N VAL A 144 7.64 1.24 13.16
CA VAL A 144 7.44 0.14 12.23
C VAL A 144 5.94 0.04 12.11
N LEU A 145 5.43 -0.03 10.90
CA LEU A 145 4.02 -0.10 10.66
C LEU A 145 3.71 -1.32 9.81
N ILE A 146 2.63 -2.02 10.21
CA ILE A 146 2.09 -3.10 9.40
C ILE A 146 0.71 -2.69 8.90
N THR A 147 0.41 -3.03 7.67
CA THR A 147 -0.89 -2.77 7.08
C THR A 147 -1.31 -3.97 6.23
N GLU A 148 -2.62 -4.08 6.00
CA GLU A 148 -3.18 -5.12 5.13
C GLU A 148 -3.24 -4.66 3.64
N GLY A 149 -3.07 -3.36 3.39
CA GLY A 149 -3.10 -2.82 2.04
C GLY A 149 -2.20 -1.61 1.83
N SER A 150 -2.44 -0.95 0.72
CA SER A 150 -1.72 0.22 0.24
C SER A 150 -1.91 1.46 1.12
N VAL A 151 -0.82 2.19 1.38
CA VAL A 151 -0.88 3.44 2.12
C VAL A 151 -0.40 4.47 1.11
N LYS A 152 -1.22 5.47 0.76
CA LYS A 152 -0.85 6.42 -0.30
C LYS A 152 0.57 7.06 -0.11
N GLY A 153 1.39 6.94 -1.15
CA GLY A 153 2.74 7.50 -1.13
C GLY A 153 3.81 6.66 -0.43
N LEU A 154 3.42 5.73 0.44
CA LEU A 154 4.37 4.88 1.16
C LEU A 154 4.72 3.62 0.40
N GLN A 155 6.00 3.49 0.08
CA GLN A 155 6.53 2.30 -0.61
C GLN A 155 6.55 1.09 0.32
N PRO A 156 5.78 0.04 -0.03
CA PRO A 156 5.66 -1.09 0.88
C PRO A 156 6.74 -2.16 0.77
N SER A 157 6.83 -2.94 1.84
CA SER A 157 7.69 -4.11 1.85
C SER A 157 6.74 -5.26 2.11
N VAL A 158 6.67 -6.23 1.19
CA VAL A 158 5.82 -7.40 1.42
C VAL A 158 6.49 -8.28 2.46
N GLY A 159 5.84 -8.45 3.60
CA GLY A 159 6.38 -9.26 4.67
C GLY A 159 6.22 -10.74 4.46
N PRO A 160 6.52 -11.52 5.51
CA PRO A 160 6.34 -12.98 5.40
C PRO A 160 4.86 -13.38 5.27
N LYS A 161 4.61 -14.52 4.64
CA LYS A 161 3.25 -15.05 4.48
C LYS A 161 2.58 -15.36 5.82
N GLN A 162 3.39 -15.75 6.82
CA GLN A 162 2.92 -16.17 8.13
C GLN A 162 3.00 -15.09 9.20
N ALA A 163 2.12 -15.18 10.18
CA ALA A 163 2.06 -14.32 11.36
C ALA A 163 1.71 -15.20 12.58
N SER A 164 1.87 -14.65 13.79
CA SER A 164 1.55 -15.33 15.02
C SER A 164 0.12 -14.94 15.50
N LEU A 165 -0.78 -15.94 15.63
CA LEU A 165 -2.12 -15.72 16.16
C LEU A 165 -2.25 -16.48 17.48
N ASN A 166 -2.17 -15.75 18.63
CA ASN A 166 -2.25 -16.35 19.96
C ASN A 166 -1.16 -17.41 20.18
N GLY A 167 0.02 -17.17 19.64
CA GLY A 167 1.15 -18.07 19.75
C GLY A 167 1.21 -19.15 18.71
N VAL A 168 0.25 -19.19 17.77
CA VAL A 168 0.26 -20.17 16.70
C VAL A 168 0.76 -19.48 15.43
N THR A 169 1.93 -19.88 14.94
CA THR A 169 2.46 -19.31 13.72
C THR A 169 1.72 -19.99 12.57
N LEU A 170 1.08 -19.18 11.73
CA LEU A 170 0.27 -19.72 10.65
C LEU A 170 0.18 -18.81 9.47
N ILE A 171 -0.13 -19.39 8.30
CA ILE A 171 -0.40 -18.65 7.09
C ILE A 171 -1.92 -18.63 7.03
N GLY A 172 -2.48 -17.45 7.24
CA GLY A 172 -3.91 -17.23 7.35
C GLY A 172 -4.76 -17.52 6.14
N GLU A 173 -5.88 -18.21 6.38
CA GLU A 173 -6.86 -18.49 5.35
C GLU A 173 -8.13 -17.71 5.69
N ALA A 174 -8.52 -17.69 6.96
CA ALA A 174 -9.71 -16.94 7.41
C ALA A 174 -9.37 -15.50 7.87
N VAL A 175 -8.07 -15.20 8.03
CA VAL A 175 -7.50 -13.92 8.44
C VAL A 175 -6.29 -13.61 7.57
N LYS A 176 -5.94 -12.34 7.45
CA LYS A 176 -4.76 -11.94 6.70
C LYS A 176 -3.55 -12.03 7.65
N THR A 177 -2.49 -12.72 7.22
CA THR A 177 -1.24 -12.83 7.99
C THR A 177 -0.06 -12.20 7.23
N GLN A 178 -0.19 -11.93 5.90
CA GLN A 178 0.87 -11.29 5.12
C GLN A 178 0.67 -9.79 5.13
N PHE A 179 1.55 -9.05 5.80
CA PHE A 179 1.41 -7.60 5.90
C PHE A 179 2.41 -6.85 5.05
N ASN A 180 2.12 -5.57 4.78
CA ASN A 180 3.01 -4.62 4.19
C ASN A 180 3.75 -4.04 5.41
N TYR A 181 5.08 -3.94 5.32
CA TYR A 181 5.90 -3.41 6.41
C TYR A 181 6.46 -2.07 5.97
N TYR A 182 6.59 -1.15 6.94
CA TYR A 182 7.12 0.19 6.75
C TYR A 182 7.96 0.55 7.98
N LYS A 183 9.07 1.27 7.79
CA LYS A 183 9.95 1.63 8.90
C LYS A 183 10.41 3.07 8.77
N LYS A 184 10.53 3.78 9.91
CA LYS A 184 11.00 5.16 9.97
C LYS A 184 12.11 5.25 10.99
N VAL A 185 13.18 5.97 10.63
CA VAL A 185 14.33 6.21 11.49
C VAL A 185 14.62 7.70 11.43
N ASP A 186 14.52 8.38 12.56
CA ASP A 186 14.80 9.81 12.67
C ASP A 186 13.94 10.67 11.74
N GLY A 187 12.67 10.33 11.69
CA GLY A 187 11.66 11.00 10.88
C GLY A 187 11.63 10.59 9.43
N VAL A 188 12.65 9.84 8.99
CA VAL A 188 12.77 9.48 7.59
C VAL A 188 12.34 8.05 7.33
N VAL A 189 11.40 7.87 6.38
CA VAL A 189 10.94 6.56 5.96
C VAL A 189 12.10 5.83 5.34
N GLN A 190 12.47 4.73 5.95
CA GLN A 190 13.59 3.94 5.51
C GLN A 190 13.14 2.87 4.53
N GLN A 191 13.94 2.64 3.50
CA GLN A 191 13.68 1.61 2.52
C GLN A 191 14.02 0.25 3.14
N LEU A 192 13.04 -0.64 3.21
CA LEU A 192 13.31 -1.98 3.72
C LEU A 192 14.01 -2.78 2.64
N PRO A 193 15.07 -3.51 3.02
CA PRO A 193 15.83 -4.26 2.02
C PRO A 193 15.09 -5.45 1.44
N GLU A 194 15.56 -5.93 0.27
CA GLU A 194 15.07 -7.17 -0.34
C GLU A 194 15.52 -8.29 0.61
N THR A 195 14.60 -9.17 0.99
CA THR A 195 14.90 -10.17 1.99
C THR A 195 14.30 -11.53 1.71
N TYR A 196 14.94 -12.55 2.23
CA TYR A 196 14.41 -13.91 2.29
C TYR A 196 13.64 -13.97 3.62
N PHE A 197 12.74 -14.92 3.74
CA PHE A 197 12.02 -15.12 5.00
C PHE A 197 12.21 -16.51 5.51
N THR A 198 12.36 -16.65 6.83
CA THR A 198 12.40 -17.98 7.44
C THR A 198 10.94 -18.54 7.45
N GLN A 199 10.82 -19.88 7.35
CA GLN A 199 9.53 -20.56 7.22
C GLN A 199 8.79 -20.82 8.53
N SER A 200 9.49 -20.68 9.68
CA SER A 200 8.90 -20.83 11.02
C SER A 200 8.27 -22.19 11.30
N ARG A 201 8.88 -23.27 10.79
CA ARG A 201 8.36 -24.61 10.98
C ARG A 201 8.89 -25.30 12.22
N ASN A 202 8.15 -26.28 12.72
CA ASN A 202 8.54 -27.10 13.87
C ASN A 202 9.15 -28.36 13.31
N LEU A 203 10.03 -28.96 14.09
CA LEU A 203 10.65 -30.22 13.72
C LEU A 203 9.66 -31.40 13.77
N GLN A 204 8.78 -31.41 14.79
CA GLN A 204 7.79 -32.47 15.02
C GLN A 204 6.71 -32.48 13.95
N GLU A 205 6.28 -31.29 13.50
CA GLU A 205 5.22 -31.19 12.49
C GLU A 205 5.69 -30.50 11.21
N PHE A 206 6.90 -30.85 10.75
CA PHE A 206 7.49 -30.25 9.56
C PHE A 206 6.79 -30.64 8.28
N LYS A 207 6.35 -29.64 7.50
CA LYS A 207 5.72 -29.89 6.23
C LYS A 207 6.51 -29.25 5.08
N PRO A 208 6.78 -30.02 4.01
CA PRO A 208 7.49 -29.44 2.86
C PRO A 208 6.63 -28.39 2.14
N ARG A 209 7.25 -27.32 1.63
CA ARG A 209 6.51 -26.24 0.98
C ARG A 209 6.98 -25.98 -0.46
N SER A 210 7.50 -27.02 -1.12
CA SER A 210 7.95 -26.98 -2.51
C SER A 210 8.24 -28.41 -3.03
N GLN A 211 8.38 -28.57 -4.36
CA GLN A 211 8.70 -29.88 -4.93
C GLN A 211 10.11 -30.33 -4.53
N MET A 212 11.04 -29.37 -4.39
CA MET A 212 12.40 -29.67 -3.94
C MET A 212 12.38 -30.16 -2.49
N GLU A 213 11.54 -29.56 -1.65
CA GLU A 213 11.40 -29.95 -0.25
C GLU A 213 10.74 -31.31 -0.10
N ILE A 214 9.80 -31.65 -1.00
CA ILE A 214 9.17 -32.96 -1.01
C ILE A 214 10.21 -34.01 -1.44
N ASP A 215 11.02 -33.68 -2.46
CA ASP A 215 12.09 -34.56 -2.95
C ASP A 215 13.22 -34.76 -1.95
N PHE A 216 13.51 -33.76 -1.11
CA PHE A 216 14.56 -33.90 -0.10
C PHE A 216 14.14 -34.91 0.95
N LEU A 217 12.90 -34.79 1.42
CA LEU A 217 12.37 -35.67 2.46
C LEU A 217 12.12 -37.08 1.94
N GLU A 218 11.67 -37.21 0.69
CA GLU A 218 11.39 -38.53 0.13
C GLU A 218 12.63 -39.27 -0.39
N LEU A 219 13.39 -38.63 -1.30
CA LEU A 219 14.56 -39.22 -1.94
C LEU A 219 15.74 -39.53 -1.01
N ALA A 220 16.64 -40.43 -1.47
CA ALA A 220 17.89 -40.76 -0.79
C ALA A 220 18.87 -39.60 -1.03
N MET A 221 19.82 -39.40 -0.11
CA MET A 221 20.77 -38.29 -0.19
C MET A 221 21.42 -38.10 -1.57
N ASP A 222 22.05 -39.15 -2.11
CA ASP A 222 22.77 -39.09 -3.37
C ASP A 222 21.89 -38.86 -4.59
N GLU A 223 20.64 -39.37 -4.59
CA GLU A 223 19.76 -39.14 -5.74
C GLU A 223 19.08 -37.78 -5.67
N PHE A 224 18.97 -37.14 -4.49
CA PHE A 224 18.44 -35.78 -4.41
C PHE A 224 19.52 -34.83 -4.92
N ILE A 225 20.78 -35.02 -4.45
CA ILE A 225 21.93 -34.24 -4.85
C ILE A 225 22.17 -34.39 -6.37
N GLU A 226 21.88 -35.57 -6.94
CA GLU A 226 22.01 -35.79 -8.38
C GLU A 226 20.86 -35.07 -9.10
N ARG A 227 19.60 -35.29 -8.69
CA ARG A 227 18.42 -34.66 -9.29
C ARG A 227 18.52 -33.13 -9.36
N TYR A 228 19.02 -32.49 -8.29
CA TYR A 228 19.08 -31.02 -8.26
C TYR A 228 20.43 -30.43 -8.62
N LYS A 229 21.36 -31.23 -9.18
CA LYS A 229 22.68 -30.79 -9.61
C LYS A 229 23.42 -30.08 -8.47
N LEU A 230 23.44 -30.70 -7.28
CA LEU A 230 24.07 -30.11 -6.10
C LEU A 230 25.43 -30.69 -5.75
N GLU A 231 26.08 -31.37 -6.71
CA GLU A 231 27.40 -31.95 -6.48
C GLU A 231 28.45 -30.84 -6.28
N GLY A 232 29.24 -30.96 -5.24
CA GLY A 232 30.27 -29.97 -4.91
C GLY A 232 29.78 -28.82 -4.04
N TYR A 233 28.53 -28.90 -3.53
CA TYR A 233 27.92 -27.88 -2.68
C TYR A 233 27.83 -28.26 -1.20
N ALA A 234 28.50 -29.36 -0.80
CA ALA A 234 28.58 -29.89 0.56
C ALA A 234 27.22 -30.07 1.28
N PHE A 235 26.18 -30.49 0.54
CA PHE A 235 24.87 -30.74 1.15
C PHE A 235 24.90 -31.94 2.10
N GLU A 236 25.78 -32.93 1.81
CA GLU A 236 26.00 -34.12 2.64
C GLU A 236 26.37 -33.70 4.07
N HIS A 237 27.17 -32.63 4.20
CA HIS A 237 27.61 -32.04 5.46
C HIS A 237 26.60 -30.98 5.99
N ILE A 238 26.37 -29.88 5.23
CA ILE A 238 25.52 -28.75 5.60
C ILE A 238 24.07 -29.10 5.89
N VAL A 239 23.43 -29.86 4.99
CA VAL A 239 22.00 -30.10 5.12
C VAL A 239 21.67 -31.46 5.71
N TYR A 240 22.31 -32.53 5.23
CA TYR A 240 22.04 -33.87 5.74
C TYR A 240 22.65 -34.10 7.12
N GLY A 241 23.84 -33.57 7.34
CA GLY A 241 24.54 -33.73 8.60
C GLY A 241 25.51 -34.89 8.56
N ASP A 242 26.60 -34.77 9.30
CA ASP A 242 27.59 -35.81 9.39
C ASP A 242 27.59 -36.30 10.84
N PHE A 243 27.09 -37.52 11.06
CA PHE A 243 27.04 -38.07 12.42
C PHE A 243 28.10 -39.12 12.67
N SER A 244 29.18 -39.14 11.86
CA SER A 244 30.19 -40.18 12.00
C SER A 244 31.26 -39.89 13.04
N HIS A 245 31.49 -38.62 13.39
CA HIS A 245 32.50 -38.28 14.40
C HIS A 245 31.86 -37.78 15.70
N SER A 246 32.67 -37.63 16.78
CA SER A 246 32.15 -37.17 18.06
C SER A 246 31.50 -35.79 17.92
N GLN A 247 32.08 -34.91 17.09
CA GLN A 247 31.47 -33.64 16.79
C GLN A 247 30.59 -33.78 15.55
N LEU A 248 29.27 -33.53 15.73
CA LEU A 248 28.25 -33.54 14.68
C LEU A 248 28.66 -32.50 13.62
N GLY A 249 28.69 -32.92 12.36
CA GLY A 249 29.09 -32.08 11.25
C GLY A 249 27.92 -31.46 10.54
N GLY A 250 28.00 -30.16 10.33
CA GLY A 250 26.96 -29.41 9.62
C GLY A 250 25.63 -29.41 10.34
N LEU A 251 24.56 -29.74 9.58
CA LEU A 251 23.18 -29.80 10.06
C LEU A 251 22.67 -28.39 10.47
N HIS A 252 22.62 -27.48 9.49
CA HIS A 252 22.25 -26.11 9.73
C HIS A 252 20.89 -25.71 9.14
N LEU A 253 20.22 -26.62 8.41
CA LEU A 253 18.91 -26.32 7.83
C LEU A 253 17.89 -27.16 8.55
N LEU A 254 16.75 -26.55 8.94
CA LEU A 254 15.69 -27.25 9.64
C LEU A 254 15.19 -28.50 8.91
N ILE A 255 15.02 -28.42 7.58
CA ILE A 255 14.58 -29.56 6.78
C ILE A 255 15.51 -30.79 6.97
N GLY A 256 16.82 -30.57 7.15
CA GLY A 256 17.79 -31.63 7.39
C GLY A 256 17.59 -32.29 8.74
N LEU A 257 17.28 -31.48 9.76
CA LEU A 257 16.98 -31.99 11.09
C LEU A 257 15.67 -32.77 11.03
N ALA A 258 14.67 -32.31 10.23
CA ALA A 258 13.37 -32.95 10.08
C ALA A 258 13.51 -34.30 9.37
N LYS A 259 14.41 -34.40 8.39
CA LYS A 259 14.63 -35.66 7.69
C LYS A 259 15.23 -36.70 8.67
N ARG A 260 16.21 -36.25 9.46
CA ARG A 260 16.89 -37.08 10.45
C ARG A 260 15.90 -37.53 11.53
N PHE A 261 15.04 -36.62 12.00
CA PHE A 261 14.03 -36.84 13.02
C PHE A 261 13.06 -37.99 12.71
N LYS A 262 12.80 -38.23 11.41
CA LYS A 262 11.93 -39.32 10.98
C LYS A 262 12.58 -40.66 11.28
N GLU A 263 13.89 -40.77 11.06
CA GLU A 263 14.61 -42.01 11.33
C GLU A 263 14.98 -42.17 12.82
N SER A 264 15.70 -41.18 13.38
CA SER A 264 16.15 -41.26 14.76
C SER A 264 15.92 -39.96 15.51
N PRO A 265 15.64 -40.03 16.82
CA PRO A 265 15.45 -38.80 17.58
C PRO A 265 16.77 -38.16 17.99
N PHE A 266 16.70 -36.94 18.52
CA PHE A 266 17.85 -36.22 19.03
C PHE A 266 17.42 -35.11 20.02
N GLU A 267 18.35 -34.68 20.88
CA GLU A 267 18.05 -33.65 21.84
C GLU A 267 18.57 -32.30 21.33
N LEU A 268 17.71 -31.28 21.28
CA LEU A 268 18.09 -29.93 20.87
C LEU A 268 17.97 -29.05 22.08
N GLU A 269 19.08 -28.63 22.68
CA GLU A 269 19.05 -27.75 23.83
C GLU A 269 19.04 -26.29 23.37
N ASP A 270 17.89 -25.64 23.56
CA ASP A 270 17.70 -24.25 23.23
C ASP A 270 18.24 -23.41 24.42
N PHE A 271 19.56 -23.18 24.46
CA PHE A 271 20.20 -22.48 25.58
C PHE A 271 19.91 -20.96 25.66
N ILE A 272 19.43 -20.33 24.57
CA ILE A 272 18.98 -18.93 24.60
C ILE A 272 17.55 -18.97 24.07
N PRO A 273 16.55 -19.31 24.91
CA PRO A 273 15.19 -19.53 24.40
C PRO A 273 14.38 -18.28 24.06
N MET A 274 14.57 -17.84 22.85
CA MET A 274 13.91 -16.68 22.29
C MET A 274 13.79 -16.86 20.78
N ASP A 275 12.74 -16.31 20.19
CA ASP A 275 12.50 -16.36 18.76
C ASP A 275 13.64 -15.60 18.04
N SER A 276 14.28 -16.24 17.08
CA SER A 276 15.29 -15.57 16.26
C SER A 276 15.44 -16.27 14.91
N THR A 277 15.85 -15.52 13.89
CA THR A 277 16.07 -15.96 12.51
C THR A 277 17.00 -17.15 12.48
N VAL A 278 18.11 -17.06 13.20
CA VAL A 278 19.01 -18.18 13.36
C VAL A 278 18.91 -18.64 14.80
N LYS A 279 18.71 -19.94 14.99
CA LYS A 279 18.64 -20.49 16.33
C LYS A 279 19.92 -21.28 16.65
N ASN A 280 20.38 -21.25 17.90
CA ASN A 280 21.57 -22.00 18.30
C ASN A 280 21.17 -23.11 19.25
N TYR A 281 21.54 -24.35 18.90
CA TYR A 281 21.18 -25.48 19.72
C TYR A 281 22.36 -26.31 20.11
N PHE A 282 22.30 -26.88 21.31
CA PHE A 282 23.29 -27.84 21.76
C PHE A 282 22.65 -29.17 21.37
N ILE A 283 23.07 -29.75 20.25
CA ILE A 283 22.46 -30.99 19.77
C ILE A 283 23.24 -32.27 20.15
N THR A 284 22.49 -33.34 20.46
CA THR A 284 23.00 -34.65 20.77
C THR A 284 22.19 -35.61 19.94
N ASP A 285 22.80 -36.29 18.97
CA ASP A 285 22.12 -37.28 18.17
C ASP A 285 22.01 -38.56 19.01
N ALA A 286 20.78 -39.06 19.22
CA ALA A 286 20.57 -40.22 20.09
C ALA A 286 21.01 -41.53 19.48
N GLN A 287 20.96 -41.66 18.16
CA GLN A 287 21.36 -42.90 17.51
C GLN A 287 22.87 -43.11 17.57
N THR A 288 23.65 -42.05 17.28
CA THR A 288 25.10 -42.18 17.20
C THR A 288 25.88 -41.61 18.39
N GLY A 289 25.34 -40.62 19.08
CA GLY A 289 26.09 -39.95 20.14
C GLY A 289 26.96 -38.82 19.58
N SER A 290 26.76 -38.46 18.29
CA SER A 290 27.42 -37.33 17.65
C SER A 290 26.79 -36.08 18.26
N SER A 291 27.58 -35.09 18.69
CA SER A 291 27.03 -33.90 19.31
C SER A 291 27.78 -32.61 18.95
N LYS A 292 27.17 -31.45 19.18
CA LYS A 292 27.79 -30.15 18.92
C LYS A 292 27.16 -29.15 19.89
N CYS A 293 27.99 -28.41 20.64
CA CYS A 293 27.50 -27.42 21.62
C CYS A 293 26.73 -26.28 21.00
N VAL A 294 27.21 -25.73 19.88
CA VAL A 294 26.60 -24.59 19.22
C VAL A 294 26.36 -24.94 17.76
N CYS A 295 25.15 -25.43 17.45
CA CYS A 295 24.77 -25.80 16.11
C CYS A 295 23.73 -24.79 15.66
N SER A 296 24.13 -23.89 14.76
CA SER A 296 23.25 -22.87 14.23
C SER A 296 22.26 -23.51 13.24
N VAL A 297 20.98 -23.24 13.41
CA VAL A 297 19.94 -23.78 12.55
C VAL A 297 19.08 -22.66 12.03
N ILE A 298 18.81 -22.70 10.74
CA ILE A 298 17.94 -21.74 10.10
C ILE A 298 16.87 -22.51 9.35
N ASP A 299 15.63 -21.99 9.40
CA ASP A 299 14.55 -22.60 8.64
C ASP A 299 14.30 -21.82 7.37
N LEU A 300 15.08 -22.11 6.36
CA LEU A 300 14.90 -21.50 5.06
C LEU A 300 14.24 -22.55 4.20
N LEU A 301 13.44 -22.12 3.22
CA LEU A 301 12.86 -23.01 2.21
C LEU A 301 14.05 -23.58 1.44
N LEU A 302 14.12 -24.91 1.25
CA LEU A 302 15.30 -25.52 0.61
C LEU A 302 15.68 -24.86 -0.73
N ASP A 303 14.68 -24.40 -1.49
CA ASP A 303 14.90 -23.71 -2.76
C ASP A 303 15.67 -22.41 -2.53
N ASP A 304 15.30 -21.67 -1.46
CA ASP A 304 15.94 -20.41 -1.10
C ASP A 304 17.38 -20.64 -0.68
N PHE A 305 17.63 -21.69 0.11
CA PHE A 305 18.98 -22.04 0.55
C PHE A 305 19.86 -22.47 -0.63
N VAL A 306 19.29 -23.24 -1.57
CA VAL A 306 19.98 -23.70 -2.78
C VAL A 306 20.37 -22.48 -3.63
N GLU A 307 19.45 -21.49 -3.76
CA GLU A 307 19.68 -20.24 -4.46
C GLU A 307 20.81 -19.43 -3.81
N ILE A 308 20.81 -19.32 -2.47
CA ILE A 308 21.87 -18.60 -1.76
C ILE A 308 23.24 -19.23 -2.00
N ILE A 309 23.38 -20.55 -1.78
CA ILE A 309 24.66 -21.23 -1.92
C ILE A 309 25.13 -21.28 -3.37
N LYS A 310 24.21 -21.43 -4.34
CA LYS A 310 24.60 -21.45 -5.75
C LYS A 310 24.96 -20.06 -6.31
N SER A 311 24.63 -18.99 -5.58
CA SER A 311 24.95 -17.63 -5.98
C SER A 311 26.28 -17.13 -5.37
N GLN A 312 27.10 -18.04 -4.81
CA GLN A 312 28.35 -17.64 -4.18
C GLN A 312 29.56 -17.98 -5.01
N ASP A 313 30.58 -17.13 -4.90
CA ASP A 313 31.85 -17.38 -5.56
C ASP A 313 32.59 -18.40 -4.69
N LEU A 314 32.99 -19.53 -5.29
CA LEU A 314 33.63 -20.62 -4.56
C LEU A 314 35.15 -20.68 -4.77
N SER A 315 35.79 -19.55 -5.09
CA SER A 315 37.22 -19.50 -5.35
C SER A 315 38.13 -19.09 -4.16
N VAL A 316 37.58 -18.87 -2.97
CA VAL A 316 38.37 -18.44 -1.81
C VAL A 316 38.20 -19.43 -0.65
N VAL A 317 39.30 -19.70 0.10
CA VAL A 317 39.28 -20.60 1.26
C VAL A 317 38.17 -20.27 2.30
N SER A 318 38.11 -19.02 2.78
CA SER A 318 37.09 -18.64 3.77
C SER A 318 36.65 -17.21 3.61
N LYS A 319 35.35 -16.96 3.79
CA LYS A 319 34.82 -15.60 3.71
C LYS A 319 33.44 -15.47 4.34
N VAL A 320 33.08 -14.25 4.71
CA VAL A 320 31.77 -13.96 5.25
C VAL A 320 30.83 -13.65 4.08
N VAL A 321 29.67 -14.31 4.06
CA VAL A 321 28.62 -14.14 3.05
C VAL A 321 27.42 -13.55 3.80
N LYS A 322 27.08 -12.30 3.51
CA LYS A 322 25.97 -11.63 4.17
C LYS A 322 24.67 -11.78 3.38
N VAL A 323 23.62 -12.29 4.02
CA VAL A 323 22.34 -12.56 3.37
C VAL A 323 21.23 -11.91 4.16
N THR A 324 20.36 -11.09 3.52
CA THR A 324 19.23 -10.51 4.22
C THR A 324 18.12 -11.57 4.39
N ILE A 325 17.80 -11.90 5.65
CA ILE A 325 16.77 -12.88 6.02
C ILE A 325 15.97 -12.27 7.16
N ASP A 326 14.64 -12.16 7.01
CA ASP A 326 13.75 -11.57 8.00
C ASP A 326 14.13 -10.13 8.32
N TYR A 327 14.58 -9.40 7.26
CA TYR A 327 15.02 -7.99 7.29
C TYR A 327 16.35 -7.75 7.97
N THR A 328 16.98 -8.79 8.52
CA THR A 328 18.25 -8.66 9.19
C THR A 328 19.39 -9.25 8.33
N GLU A 329 20.61 -8.74 8.49
CA GLU A 329 21.74 -9.26 7.73
C GLU A 329 22.37 -10.41 8.48
N ILE A 330 22.18 -11.62 7.96
CA ILE A 330 22.73 -12.82 8.57
C ILE A 330 24.07 -13.08 7.93
N SER A 331 25.12 -13.12 8.74
CA SER A 331 26.45 -13.45 8.24
C SER A 331 26.59 -14.98 8.22
N PHE A 332 27.10 -15.50 7.12
CA PHE A 332 27.34 -16.92 6.93
C PHE A 332 28.84 -17.07 6.72
N MET A 333 29.36 -18.22 7.08
CA MET A 333 30.75 -18.50 6.88
C MET A 333 30.84 -19.49 5.76
N LEU A 334 31.50 -19.13 4.66
CA LEU A 334 31.65 -20.01 3.50
C LEU A 334 33.08 -20.51 3.40
N TRP A 335 33.27 -21.84 3.49
CA TRP A 335 34.58 -22.46 3.39
C TRP A 335 34.65 -23.28 2.13
N CYS A 336 35.64 -23.00 1.29
CA CYS A 336 35.80 -23.69 0.01
C CYS A 336 37.18 -24.32 -0.14
N LYS A 337 37.30 -25.27 -1.07
CA LYS A 337 38.55 -25.94 -1.39
C LYS A 337 38.42 -26.43 -2.83
N ASP A 338 39.38 -26.06 -3.68
CA ASP A 338 39.46 -26.45 -5.09
C ASP A 338 38.17 -26.22 -5.90
N GLY A 339 37.47 -25.13 -5.60
CA GLY A 339 36.25 -24.79 -6.29
C GLY A 339 34.97 -25.43 -5.78
N HIS A 340 35.08 -26.24 -4.72
CA HIS A 340 33.90 -26.86 -4.11
C HIS A 340 33.65 -26.33 -2.71
N VAL A 341 32.41 -26.42 -2.23
CA VAL A 341 32.08 -26.03 -0.87
C VAL A 341 32.54 -27.11 0.12
N GLU A 342 33.04 -26.70 1.27
CA GLU A 342 33.39 -27.59 2.36
C GLU A 342 32.28 -27.43 3.42
N THR A 343 32.01 -26.18 3.80
CA THR A 343 30.93 -25.85 4.73
C THR A 343 30.38 -24.44 4.46
N PHE A 344 29.15 -24.20 4.90
CA PHE A 344 28.45 -22.93 4.74
C PHE A 344 27.47 -22.90 5.89
N TYR A 345 27.69 -22.03 6.87
CA TYR A 345 26.86 -22.03 8.07
C TYR A 345 26.58 -20.64 8.58
N PRO A 346 25.41 -20.40 9.21
CA PRO A 346 25.16 -19.09 9.81
C PRO A 346 26.19 -18.84 10.93
N LYS A 347 27.15 -17.93 10.66
CA LYS A 347 28.29 -17.54 11.50
C LYS A 347 27.93 -17.31 12.95
N LEU A 348 28.67 -17.99 13.84
CA LEU A 348 28.52 -17.94 15.29
C LEU A 348 29.31 -16.71 15.79
N GLN A 349 28.59 -15.55 15.86
CA GLN A 349 29.04 -14.19 16.22
C GLN A 349 29.75 -14.05 17.58
N ALA B 2 -38.99 8.48 -31.05
CA ALA B 2 -38.89 8.92 -32.44
C ALA B 2 -37.75 9.91 -32.59
N MET B 3 -36.54 9.41 -32.37
CA MET B 3 -35.31 10.19 -32.45
C MET B 3 -35.00 10.65 -33.89
N SER B 4 -34.62 11.92 -34.04
CA SER B 4 -34.28 12.48 -35.35
C SER B 4 -33.32 13.65 -35.25
N LEU B 5 -32.64 13.95 -36.34
CA LEU B 5 -31.71 15.06 -36.42
C LEU B 5 -32.44 16.39 -36.12
N GLU B 6 -33.61 16.55 -36.74
CA GLU B 6 -34.49 17.71 -36.64
C GLU B 6 -35.04 17.89 -35.26
N ASN B 7 -35.33 16.79 -34.55
CA ASN B 7 -35.80 16.82 -33.18
C ASN B 7 -34.67 17.16 -32.21
N VAL B 8 -33.45 16.62 -32.42
CA VAL B 8 -32.27 16.94 -31.64
C VAL B 8 -31.99 18.45 -31.77
N ALA B 9 -31.95 18.96 -33.00
CA ALA B 9 -31.78 20.39 -33.29
C ALA B 9 -32.86 21.26 -32.64
N PHE B 10 -34.13 20.83 -32.67
CA PHE B 10 -35.24 21.53 -32.03
C PHE B 10 -34.98 21.66 -30.52
N ASN B 11 -34.55 20.55 -29.88
CA ASN B 11 -34.26 20.51 -28.46
C ASN B 11 -33.11 21.44 -28.14
N VAL B 12 -32.04 21.43 -28.93
CA VAL B 12 -30.89 22.31 -28.73
C VAL B 12 -31.32 23.78 -28.81
N VAL B 13 -32.03 24.14 -29.87
CA VAL B 13 -32.50 25.52 -30.08
C VAL B 13 -33.44 26.01 -28.98
N ASN B 14 -34.41 25.18 -28.55
CA ASN B 14 -35.39 25.61 -27.57
C ASN B 14 -35.06 25.39 -26.11
N LYS B 15 -34.33 24.31 -25.81
CA LYS B 15 -34.01 23.90 -24.46
C LYS B 15 -32.54 24.00 -24.07
N GLY B 16 -31.67 24.39 -25.02
CA GLY B 16 -30.24 24.49 -24.75
C GLY B 16 -29.48 23.18 -24.75
N HIS B 17 -30.18 22.06 -24.95
CA HIS B 17 -29.65 20.69 -24.93
C HIS B 17 -30.80 19.71 -25.19
N PHE B 18 -30.50 18.40 -25.35
CA PHE B 18 -31.57 17.43 -25.56
C PHE B 18 -32.37 17.26 -24.26
N ASP B 19 -33.70 17.48 -24.33
CA ASP B 19 -34.59 17.45 -23.19
C ASP B 19 -35.90 16.64 -23.44
N GLY B 20 -35.87 15.74 -24.43
CA GLY B 20 -36.99 14.88 -24.78
C GLY B 20 -38.24 15.57 -25.29
N GLN B 21 -38.11 16.83 -25.69
CA GLN B 21 -39.23 17.61 -26.20
C GLN B 21 -39.58 17.25 -27.62
N GLN B 22 -40.85 17.38 -27.98
CA GLN B 22 -41.30 17.07 -29.33
C GLN B 22 -41.14 18.31 -30.18
N GLY B 23 -40.83 18.13 -31.44
CA GLY B 23 -40.68 19.24 -32.36
C GLY B 23 -39.52 19.06 -33.32
N GLU B 24 -39.51 19.86 -34.39
CA GLU B 24 -38.49 19.79 -35.42
C GLU B 24 -38.13 21.17 -35.90
N VAL B 25 -36.83 21.41 -36.13
CA VAL B 25 -36.35 22.64 -36.75
C VAL B 25 -35.57 22.22 -38.02
N PRO B 26 -35.62 23.04 -39.10
CA PRO B 26 -34.88 22.67 -40.32
C PRO B 26 -33.39 22.73 -40.09
N VAL B 27 -32.65 21.75 -40.62
CA VAL B 27 -31.20 21.66 -40.38
C VAL B 27 -30.42 21.51 -41.68
N SER B 28 -29.22 22.10 -41.71
CA SER B 28 -28.28 21.97 -42.82
C SER B 28 -27.05 21.30 -42.30
N ILE B 29 -26.55 20.31 -43.00
CA ILE B 29 -25.29 19.69 -42.64
C ILE B 29 -24.24 20.02 -43.72
N ILE B 30 -23.22 20.84 -43.37
CA ILE B 30 -22.15 21.25 -44.29
C ILE B 30 -20.84 21.12 -43.58
N ASN B 31 -19.72 20.70 -44.21
N ASN B 31 -20.20 20.06 -44.13
CA ASN B 31 -18.35 20.76 -43.61
CA ASN B 31 -18.98 19.35 -43.86
C ASN B 31 -18.23 20.59 -42.03
C ASN B 31 -19.12 18.73 -42.50
N ASN B 32 -18.62 19.41 -41.50
CA ASN B 32 -18.65 18.97 -40.11
C ASN B 32 -19.41 19.90 -39.19
N THR B 33 -20.35 20.66 -39.75
CA THR B 33 -21.09 21.66 -39.00
C THR B 33 -22.59 21.49 -39.22
N VAL B 34 -23.35 21.67 -38.15
CA VAL B 34 -24.79 21.61 -38.15
C VAL B 34 -25.32 23.06 -38.08
N TYR B 35 -26.17 23.44 -39.03
CA TYR B 35 -26.78 24.76 -39.07
C TYR B 35 -28.28 24.65 -38.94
N THR B 36 -28.94 25.74 -38.56
CA THR B 36 -30.38 25.86 -38.54
C THR B 36 -30.76 27.22 -39.13
N LYS B 37 -31.86 27.28 -39.89
CA LYS B 37 -32.30 28.54 -40.46
C LYS B 37 -33.01 29.37 -39.39
N VAL B 38 -32.57 30.62 -39.19
CA VAL B 38 -33.18 31.60 -38.27
C VAL B 38 -33.19 32.95 -39.00
N ASP B 39 -34.36 33.61 -39.10
CA ASP B 39 -34.48 34.91 -39.79
C ASP B 39 -34.01 34.86 -41.25
N GLY B 40 -34.21 33.70 -41.88
CA GLY B 40 -33.84 33.45 -43.26
C GLY B 40 -32.41 32.97 -43.46
N VAL B 41 -31.52 33.10 -42.44
CA VAL B 41 -30.10 32.73 -42.60
C VAL B 41 -29.65 31.56 -41.73
N ASP B 42 -28.54 30.91 -42.11
CA ASP B 42 -28.00 29.76 -41.39
C ASP B 42 -27.24 30.14 -40.17
N VAL B 43 -27.56 29.52 -39.03
CA VAL B 43 -26.90 29.77 -37.77
C VAL B 43 -26.26 28.49 -37.30
N GLU B 44 -24.98 28.54 -36.95
CA GLU B 44 -24.23 27.37 -36.48
C GLU B 44 -24.72 26.83 -35.12
N LEU B 45 -25.12 25.57 -35.08
CA LEU B 45 -25.55 24.91 -33.86
C LEU B 45 -24.44 24.09 -33.26
N PHE B 46 -23.63 23.44 -34.10
CA PHE B 46 -22.57 22.55 -33.62
C PHE B 46 -21.49 22.35 -34.65
N GLU B 47 -20.24 22.34 -34.20
CA GLU B 47 -19.11 22.03 -35.04
C GLU B 47 -18.50 20.74 -34.51
N ASN B 48 -18.50 19.72 -35.34
CA ASN B 48 -17.95 18.43 -35.01
C ASN B 48 -16.43 18.46 -34.94
N LYS B 49 -15.90 18.28 -33.73
CA LYS B 49 -14.46 18.15 -33.46
C LYS B 49 -14.11 16.66 -33.14
N THR B 50 -15.04 15.72 -33.34
CA THR B 50 -14.90 14.30 -33.05
C THR B 50 -14.56 13.50 -34.33
N THR B 51 -14.22 12.22 -34.13
CA THR B 51 -13.98 11.27 -35.20
C THR B 51 -15.28 10.50 -35.61
N LEU B 52 -16.42 10.84 -34.97
CA LEU B 52 -17.73 10.27 -35.27
C LEU B 52 -18.34 11.08 -36.41
N PRO B 53 -19.31 10.52 -37.15
CA PRO B 53 -20.04 11.31 -38.16
C PRO B 53 -20.72 12.53 -37.49
N VAL B 54 -20.76 13.68 -38.18
CA VAL B 54 -21.26 14.98 -37.70
C VAL B 54 -22.61 14.93 -37.00
N ASN B 55 -23.59 14.19 -37.57
CA ASN B 55 -24.94 14.10 -36.99
C ASN B 55 -24.99 13.22 -35.75
N VAL B 56 -24.12 12.19 -35.70
CA VAL B 56 -24.01 11.31 -34.57
C VAL B 56 -23.38 12.10 -33.42
N ALA B 57 -22.28 12.83 -33.69
CA ALA B 57 -21.61 13.61 -32.64
C ALA B 57 -22.49 14.72 -32.09
N PHE B 58 -23.30 15.33 -32.96
CA PHE B 58 -24.25 16.38 -32.61
C PHE B 58 -25.25 15.84 -31.62
N GLU B 59 -25.80 14.64 -31.88
CA GLU B 59 -26.75 14.01 -30.99
C GLU B 59 -26.17 13.64 -29.62
N LEU B 60 -24.96 13.08 -29.56
CA LEU B 60 -24.33 12.73 -28.29
C LEU B 60 -23.98 13.99 -27.48
N TRP B 61 -23.57 15.06 -28.16
CA TRP B 61 -23.27 16.34 -27.50
C TRP B 61 -24.57 16.95 -26.95
N ALA B 62 -25.67 16.92 -27.72
CA ALA B 62 -26.98 17.38 -27.24
C ALA B 62 -27.41 16.54 -26.03
N LYS B 63 -27.14 15.23 -26.06
CA LYS B 63 -27.53 14.30 -24.99
C LYS B 63 -26.52 14.18 -23.85
N ARG B 64 -25.58 15.11 -23.76
CA ARG B 64 -24.57 15.11 -22.70
C ARG B 64 -25.19 15.32 -21.32
N ASN B 65 -24.52 14.80 -20.31
CA ASN B 65 -24.90 14.92 -18.93
C ASN B 65 -24.66 16.37 -18.50
N ILE B 66 -25.71 17.05 -18.08
CA ILE B 66 -25.62 18.43 -17.64
C ILE B 66 -25.62 18.57 -16.12
N LYS B 67 -25.39 17.48 -15.38
CA LYS B 67 -25.27 17.51 -13.93
C LYS B 67 -23.79 17.48 -13.60
N PRO B 68 -23.35 17.88 -12.38
CA PRO B 68 -21.92 17.74 -12.04
C PRO B 68 -21.54 16.25 -12.12
N VAL B 69 -20.56 15.91 -12.96
CA VAL B 69 -20.15 14.51 -13.14
C VAL B 69 -18.67 14.34 -12.82
N PRO B 70 -18.19 13.12 -12.50
CA PRO B 70 -16.74 12.96 -12.25
C PRO B 70 -15.92 13.41 -13.47
N GLU B 71 -14.76 14.01 -13.21
CA GLU B 71 -13.86 14.42 -14.28
C GLU B 71 -13.41 13.21 -15.07
N VAL B 72 -13.31 13.31 -16.40
CA VAL B 72 -12.94 12.20 -17.27
C VAL B 72 -11.67 11.44 -16.78
N LYS B 73 -10.63 12.15 -16.27
CA LYS B 73 -9.43 11.52 -15.73
C LYS B 73 -9.75 10.48 -14.61
N ILE B 74 -10.77 10.76 -13.74
CA ILE B 74 -11.19 9.85 -12.68
C ILE B 74 -11.85 8.59 -13.28
N LEU B 75 -12.78 8.79 -14.23
CA LEU B 75 -13.48 7.72 -14.91
C LEU B 75 -12.48 6.81 -15.64
N ASN B 76 -11.51 7.42 -16.30
CA ASN B 76 -10.44 6.69 -17.00
C ASN B 76 -9.59 5.91 -16.02
N ASN B 77 -9.20 6.54 -14.91
CA ASN B 77 -8.37 5.89 -13.89
C ASN B 77 -9.06 4.72 -13.22
N LEU B 78 -10.41 4.78 -13.11
CA LEU B 78 -11.25 3.73 -12.57
C LEU B 78 -11.65 2.66 -13.59
N GLY B 79 -11.17 2.76 -14.81
CA GLY B 79 -11.45 1.80 -15.87
C GLY B 79 -12.83 1.82 -16.45
N VAL B 80 -13.51 2.99 -16.43
CA VAL B 80 -14.87 3.13 -16.97
C VAL B 80 -14.82 3.02 -18.50
N ASP B 81 -15.65 2.12 -19.04
CA ASP B 81 -15.69 1.88 -20.48
C ASP B 81 -16.82 2.62 -21.18
N ILE B 82 -17.97 2.71 -20.52
CA ILE B 82 -19.23 3.23 -21.04
C ILE B 82 -20.06 3.78 -19.87
N ALA B 83 -21.07 4.59 -20.16
CA ALA B 83 -21.95 5.13 -19.12
C ALA B 83 -23.34 4.56 -19.30
N ALA B 84 -24.06 4.34 -18.19
CA ALA B 84 -25.43 3.85 -18.27
C ALA B 84 -26.39 4.97 -18.52
N ASN B 85 -26.96 5.02 -19.74
CA ASN B 85 -28.03 5.91 -20.20
C ASN B 85 -27.74 7.39 -20.10
N THR B 86 -26.50 7.76 -20.38
CA THR B 86 -26.04 9.16 -20.42
C THR B 86 -24.79 9.28 -21.31
N VAL B 87 -24.40 10.51 -21.62
CA VAL B 87 -23.18 10.77 -22.35
C VAL B 87 -22.31 11.63 -21.45
N ILE B 88 -21.13 11.11 -21.08
CA ILE B 88 -20.16 11.92 -20.34
C ILE B 88 -19.39 12.67 -21.44
N TRP B 89 -19.58 14.00 -21.55
CA TRP B 89 -18.90 14.79 -22.56
C TRP B 89 -17.51 15.20 -22.09
N ASP B 90 -16.52 14.95 -22.92
CA ASP B 90 -15.15 15.32 -22.64
C ASP B 90 -14.96 16.70 -23.26
N TYR B 91 -15.02 17.74 -22.43
CA TYR B 91 -14.88 19.11 -22.90
C TYR B 91 -13.44 19.47 -23.28
N LYS B 92 -12.45 18.73 -22.77
CA LYS B 92 -11.06 18.95 -23.14
C LYS B 92 -10.77 18.39 -24.53
N ARG B 93 -11.41 17.29 -24.90
CA ARG B 93 -11.28 16.73 -26.24
C ARG B 93 -12.38 17.18 -27.20
N ASP B 94 -13.44 17.87 -26.71
CA ASP B 94 -14.62 18.25 -27.49
C ASP B 94 -15.23 17.04 -28.17
N ALA B 95 -15.37 15.95 -27.40
CA ALA B 95 -15.85 14.67 -27.89
C ALA B 95 -16.45 13.84 -26.76
N PRO B 96 -17.20 12.77 -27.08
CA PRO B 96 -17.71 11.90 -26.00
C PRO B 96 -16.55 11.21 -25.25
N ALA B 97 -16.64 11.10 -23.91
CA ALA B 97 -15.59 10.44 -23.13
C ALA B 97 -15.45 8.95 -23.48
N HIS B 98 -16.54 8.32 -23.94
CA HIS B 98 -16.58 6.88 -24.24
C HIS B 98 -16.97 6.61 -25.70
N ILE B 99 -16.46 5.52 -26.27
CA ILE B 99 -16.71 5.10 -27.66
C ILE B 99 -18.21 4.84 -27.92
N SER B 100 -18.84 4.02 -27.06
CA SER B 100 -20.20 3.59 -27.23
C SER B 100 -21.14 4.14 -26.17
N THR B 101 -22.45 3.95 -26.40
CA THR B 101 -23.46 4.39 -25.47
C THR B 101 -24.42 3.22 -25.09
N ILE B 102 -25.21 3.44 -24.04
CA ILE B 102 -26.24 2.51 -23.59
C ILE B 102 -27.49 3.34 -23.45
N GLY B 103 -28.50 3.07 -24.27
CA GLY B 103 -29.76 3.79 -24.25
C GLY B 103 -29.74 5.28 -24.55
N VAL B 104 -28.78 5.74 -25.35
CA VAL B 104 -28.67 7.16 -25.71
C VAL B 104 -28.95 7.49 -27.20
N CYS B 105 -28.26 6.84 -28.12
CA CYS B 105 -28.32 7.16 -29.53
C CYS B 105 -28.27 5.86 -30.31
N SER B 106 -29.15 5.69 -31.30
CA SER B 106 -29.21 4.45 -32.07
C SER B 106 -27.95 4.10 -32.83
N MET B 107 -27.18 5.13 -33.27
CA MET B 107 -25.94 4.90 -34.01
C MET B 107 -24.78 4.40 -33.13
N THR B 108 -24.74 4.81 -31.84
CA THR B 108 -23.64 4.44 -30.95
C THR B 108 -23.99 3.37 -29.91
N ASP B 109 -25.29 3.12 -29.70
CA ASP B 109 -25.79 2.18 -28.71
C ASP B 109 -25.35 0.77 -28.92
N ILE B 110 -24.82 0.18 -27.86
CA ILE B 110 -24.51 -1.25 -27.88
C ILE B 110 -25.62 -2.06 -27.17
N ALA B 111 -26.47 -1.38 -26.41
CA ALA B 111 -27.58 -1.89 -25.61
C ALA B 111 -28.52 -0.73 -25.30
N LYS B 112 -29.78 -1.03 -24.93
CA LYS B 112 -30.75 -0.04 -24.48
C LYS B 112 -30.65 0.09 -22.93
N LYS B 113 -30.36 -1.02 -22.23
CA LYS B 113 -30.21 -1.06 -20.77
C LYS B 113 -28.88 -1.73 -20.41
N PRO B 114 -28.19 -1.28 -19.33
CA PRO B 114 -26.91 -1.91 -18.96
C PRO B 114 -27.02 -3.36 -18.46
N THR B 115 -28.24 -3.91 -18.35
CA THR B 115 -28.48 -5.29 -17.96
C THR B 115 -28.24 -6.28 -19.11
N GLU B 116 -28.12 -5.79 -20.36
CA GLU B 116 -27.89 -6.63 -21.52
C GLU B 116 -26.50 -7.27 -21.45
N THR B 117 -26.38 -8.54 -21.87
CA THR B 117 -25.16 -9.31 -21.75
C THR B 117 -23.92 -8.65 -22.37
N ILE B 118 -24.08 -7.80 -23.40
CA ILE B 118 -22.91 -7.10 -23.97
C ILE B 118 -22.22 -6.19 -22.93
N CYS B 119 -22.96 -5.71 -21.93
CA CYS B 119 -22.44 -4.79 -20.93
C CYS B 119 -21.79 -5.46 -19.74
N ALA B 120 -22.05 -6.76 -19.53
CA ALA B 120 -21.47 -7.47 -18.40
C ALA B 120 -19.93 -7.41 -18.35
N PRO B 121 -19.17 -7.59 -19.47
CA PRO B 121 -17.71 -7.48 -19.37
C PRO B 121 -17.16 -6.04 -19.26
N LEU B 122 -17.98 -5.02 -19.56
CA LEU B 122 -17.56 -3.64 -19.54
C LEU B 122 -17.77 -2.99 -18.20
N THR B 123 -16.88 -2.10 -17.77
CA THR B 123 -17.08 -1.37 -16.52
C THR B 123 -18.03 -0.20 -16.82
N VAL B 124 -19.32 -0.38 -16.48
CA VAL B 124 -20.37 0.58 -16.72
C VAL B 124 -20.42 1.63 -15.61
N PHE B 125 -20.47 2.92 -15.98
CA PHE B 125 -20.57 3.99 -15.00
C PHE B 125 -22.05 4.13 -14.63
N PHE B 126 -22.35 4.12 -13.34
CA PHE B 126 -23.69 4.27 -12.76
C PHE B 126 -23.71 5.48 -11.84
N ASP B 127 -24.83 6.21 -11.84
CA ASP B 127 -25.07 7.44 -11.10
C ASP B 127 -26.26 7.20 -10.13
N GLY B 128 -25.94 7.14 -8.85
CA GLY B 128 -26.91 6.95 -7.78
C GLY B 128 -27.98 8.03 -7.73
N ARG B 129 -27.66 9.22 -8.26
CA ARG B 129 -28.61 10.33 -8.35
C ARG B 129 -29.78 10.02 -9.31
N VAL B 130 -29.58 9.07 -10.23
CA VAL B 130 -30.61 8.62 -11.18
C VAL B 130 -31.29 7.41 -10.54
N ASP B 131 -32.62 7.41 -10.50
CA ASP B 131 -33.40 6.33 -9.90
C ASP B 131 -33.10 4.99 -10.55
N GLY B 132 -32.91 3.97 -9.72
CA GLY B 132 -32.64 2.61 -10.14
C GLY B 132 -31.20 2.26 -10.46
N GLN B 133 -30.33 3.27 -10.63
CA GLN B 133 -28.93 3.00 -11.00
C GLN B 133 -28.09 2.39 -9.88
N VAL B 134 -28.40 2.64 -8.59
CA VAL B 134 -27.68 1.98 -7.49
C VAL B 134 -27.99 0.47 -7.54
N ASP B 135 -29.28 0.12 -7.77
CA ASP B 135 -29.70 -1.28 -7.88
C ASP B 135 -29.22 -1.93 -9.20
N LEU B 136 -29.01 -1.14 -10.25
CA LEU B 136 -28.44 -1.63 -11.52
C LEU B 136 -26.93 -1.94 -11.34
N PHE B 137 -26.24 -1.20 -10.46
CA PHE B 137 -24.85 -1.42 -10.10
C PHE B 137 -24.75 -2.72 -9.22
N ARG B 138 -25.81 -3.03 -8.41
CA ARG B 138 -25.81 -4.26 -7.59
C ARG B 138 -25.86 -5.47 -8.49
N ASN B 139 -26.66 -5.42 -9.56
CA ASN B 139 -26.77 -6.56 -10.46
C ASN B 139 -25.72 -6.56 -11.57
N ALA B 140 -24.85 -5.52 -11.65
CA ALA B 140 -23.82 -5.42 -12.67
C ALA B 140 -22.55 -6.17 -12.31
N ARG B 141 -22.04 -6.94 -13.27
CA ARG B 141 -20.81 -7.70 -13.08
C ARG B 141 -19.63 -6.72 -12.93
N ASN B 142 -19.59 -5.68 -13.78
CA ASN B 142 -18.53 -4.68 -13.77
C ASN B 142 -19.09 -3.29 -13.85
N GLY B 143 -18.59 -2.42 -12.99
CA GLY B 143 -19.10 -1.07 -12.94
C GLY B 143 -18.51 -0.20 -11.86
N VAL B 144 -18.79 1.09 -11.98
CA VAL B 144 -18.33 2.12 -11.07
C VAL B 144 -19.59 2.92 -10.72
N LEU B 145 -19.85 3.09 -9.44
CA LEU B 145 -21.01 3.81 -8.96
C LEU B 145 -20.61 5.06 -8.21
N ILE B 146 -21.34 6.15 -8.45
CA ILE B 146 -21.19 7.38 -7.68
C ILE B 146 -22.48 7.67 -6.94
N THR B 147 -22.37 8.12 -5.70
CA THR B 147 -23.53 8.48 -4.91
C THR B 147 -23.22 9.75 -4.14
N GLU B 148 -24.27 10.42 -3.67
CA GLU B 148 -24.12 11.61 -2.85
C GLU B 148 -24.11 11.22 -1.36
N GLY B 149 -24.87 10.19 -1.01
CA GLY B 149 -24.97 9.70 0.36
C GLY B 149 -24.51 8.26 0.48
N SER B 150 -24.89 7.61 1.59
CA SER B 150 -24.50 6.22 1.84
C SER B 150 -25.37 5.19 1.14
N VAL B 151 -24.77 4.06 0.79
CA VAL B 151 -25.44 2.92 0.18
C VAL B 151 -25.39 1.81 1.21
N LYS B 152 -26.55 1.19 1.51
CA LYS B 152 -26.60 0.13 2.51
C LYS B 152 -25.74 -1.07 2.10
N GLY B 153 -24.87 -1.51 3.00
CA GLY B 153 -23.99 -2.65 2.78
C GLY B 153 -22.69 -2.33 2.08
N LEU B 154 -22.61 -1.16 1.41
CA LEU B 154 -21.40 -0.79 0.71
C LEU B 154 -20.53 0.22 1.44
N GLN B 155 -19.22 -0.06 1.57
CA GLN B 155 -18.31 0.89 2.17
C GLN B 155 -17.87 1.87 1.11
N PRO B 156 -18.06 3.18 1.37
CA PRO B 156 -17.72 4.16 0.34
C PRO B 156 -16.25 4.52 0.26
N SER B 157 -15.89 5.11 -0.87
CA SER B 157 -14.58 5.68 -1.10
C SER B 157 -14.91 7.14 -1.35
N VAL B 158 -14.43 8.04 -0.49
CA VAL B 158 -14.71 9.46 -0.65
C VAL B 158 -13.91 9.96 -1.83
N GLY B 159 -14.61 10.40 -2.87
CA GLY B 159 -13.97 10.91 -4.07
C GLY B 159 -13.47 12.32 -3.91
N PRO B 160 -13.01 12.91 -5.03
CA PRO B 160 -12.53 14.31 -4.95
C PRO B 160 -13.65 15.30 -4.63
N LYS B 161 -13.30 16.43 -4.02
CA LYS B 161 -14.23 17.51 -3.68
C LYS B 161 -14.89 18.11 -4.92
N GLN B 162 -14.14 18.12 -6.05
CA GLN B 162 -14.61 18.74 -7.29
C GLN B 162 -15.16 17.77 -8.32
N ALA B 163 -16.02 18.28 -9.19
CA ALA B 163 -16.63 17.57 -10.29
C ALA B 163 -16.74 18.54 -11.49
N SER B 164 -17.01 18.00 -12.69
CA SER B 164 -17.17 18.77 -13.89
C SER B 164 -18.66 19.09 -14.16
N LEU B 165 -19.03 20.38 -14.20
CA LEU B 165 -20.41 20.78 -14.53
C LEU B 165 -20.38 21.56 -15.85
N ASN B 166 -20.79 20.91 -16.96
CA ASN B 166 -20.79 21.50 -18.30
C ASN B 166 -19.40 22.00 -18.71
N GLY B 167 -18.37 21.25 -18.33
CA GLY B 167 -16.99 21.56 -18.63
C GLY B 167 -16.31 22.47 -17.65
N VAL B 168 -17.00 22.90 -16.60
CA VAL B 168 -16.43 23.76 -15.57
C VAL B 168 -16.11 22.87 -14.37
N THR B 169 -14.82 22.70 -14.07
CA THR B 169 -14.43 21.92 -12.91
C THR B 169 -14.61 22.83 -11.71
N LEU B 170 -15.39 22.37 -10.74
CA LEU B 170 -15.72 23.19 -9.58
C LEU B 170 -16.03 22.37 -8.35
N ILE B 171 -15.85 23.00 -7.18
CA ILE B 171 -16.24 22.44 -5.91
C ILE B 171 -17.59 23.10 -5.64
N GLY B 172 -18.64 22.31 -5.70
CA GLY B 172 -20.02 22.75 -5.61
C GLY B 172 -20.45 23.37 -4.31
N GLU B 173 -21.16 24.49 -4.41
CA GLU B 173 -21.75 25.14 -3.26
C GLU B 173 -23.28 25.01 -3.37
N ALA B 174 -23.84 25.19 -4.56
CA ALA B 174 -25.27 25.06 -4.81
C ALA B 174 -25.67 23.63 -5.25
N VAL B 175 -24.69 22.77 -5.56
CA VAL B 175 -24.81 21.38 -6.00
C VAL B 175 -23.76 20.56 -5.30
N LYS B 176 -24.00 19.26 -5.17
CA LYS B 176 -23.01 18.38 -4.58
C LYS B 176 -22.05 17.93 -5.69
N THR B 177 -20.73 18.07 -5.45
CA THR B 177 -19.71 17.62 -6.40
C THR B 177 -18.82 16.50 -5.80
N GLN B 178 -18.87 16.28 -4.46
CA GLN B 178 -18.08 15.21 -3.83
C GLN B 178 -18.92 13.96 -3.75
N PHE B 179 -18.57 12.95 -4.54
CA PHE B 179 -19.32 11.72 -4.59
C PHE B 179 -18.58 10.60 -3.85
N ASN B 180 -19.32 9.57 -3.50
CA ASN B 180 -18.79 8.35 -2.95
C ASN B 180 -18.61 7.47 -4.15
N TYR B 181 -17.50 6.77 -4.21
CA TYR B 181 -17.19 5.89 -5.31
C TYR B 181 -17.20 4.45 -4.87
N TYR B 182 -17.73 3.61 -5.75
CA TYR B 182 -17.87 2.18 -5.59
C TYR B 182 -17.44 1.55 -6.91
N LYS B 183 -16.80 0.40 -6.85
CA LYS B 183 -16.33 -0.28 -8.05
C LYS B 183 -16.53 -1.77 -7.87
N LYS B 184 -16.94 -2.43 -8.93
CA LYS B 184 -17.16 -3.86 -8.93
C LYS B 184 -16.41 -4.46 -10.07
N VAL B 185 -15.68 -5.54 -9.79
CA VAL B 185 -14.92 -6.25 -10.80
C VAL B 185 -15.34 -7.70 -10.71
N ASP B 186 -15.96 -8.21 -11.78
CA ASP B 186 -16.44 -9.59 -11.88
C ASP B 186 -17.38 -10.00 -10.75
N GLY B 187 -18.34 -9.14 -10.43
CA GLY B 187 -19.36 -9.35 -9.41
C GLY B 187 -18.92 -9.00 -8.00
N VAL B 188 -17.62 -8.75 -7.81
CA VAL B 188 -17.05 -8.47 -6.50
C VAL B 188 -16.84 -6.99 -6.28
N VAL B 189 -17.40 -6.45 -5.20
CA VAL B 189 -17.21 -5.07 -4.76
C VAL B 189 -15.76 -4.93 -4.37
N GLN B 190 -15.09 -3.96 -4.95
CA GLN B 190 -13.68 -3.72 -4.70
C GLN B 190 -13.46 -2.86 -3.47
N GLN B 191 -12.24 -2.95 -2.94
CA GLN B 191 -11.82 -2.07 -1.88
C GLN B 191 -10.93 -1.07 -2.62
N LEU B 192 -11.48 0.11 -2.93
CA LEU B 192 -10.72 1.14 -3.65
C LEU B 192 -9.54 1.59 -2.81
N PRO B 193 -8.37 1.82 -3.42
CA PRO B 193 -7.19 2.16 -2.62
C PRO B 193 -7.24 3.54 -2.00
N GLU B 194 -6.42 3.75 -0.95
CA GLU B 194 -6.15 5.05 -0.32
C GLU B 194 -5.53 5.91 -1.45
N THR B 195 -6.04 7.10 -1.68
CA THR B 195 -5.54 7.91 -2.79
C THR B 195 -5.48 9.37 -2.49
N TYR B 196 -4.54 10.04 -3.15
CA TYR B 196 -4.45 11.50 -3.17
C TYR B 196 -5.32 11.92 -4.35
N PHE B 197 -5.74 13.16 -4.38
CA PHE B 197 -6.50 13.68 -5.52
C PHE B 197 -5.82 14.87 -6.11
N THR B 198 -5.82 14.98 -7.44
CA THR B 198 -5.33 16.20 -8.09
C THR B 198 -6.40 17.29 -7.89
N GLN B 199 -5.97 18.56 -7.78
CA GLN B 199 -6.84 19.69 -7.48
C GLN B 199 -7.57 20.29 -8.69
N SER B 200 -7.15 19.94 -9.92
CA SER B 200 -7.78 20.37 -11.16
C SER B 200 -7.87 21.89 -11.37
N ARG B 201 -6.85 22.62 -10.95
CA ARG B 201 -6.86 24.07 -11.08
C ARG B 201 -6.29 24.55 -12.42
N ASN B 202 -6.66 25.78 -12.79
CA ASN B 202 -6.16 26.43 -14.00
C ASN B 202 -5.01 27.31 -13.58
N LEU B 203 -4.09 27.54 -14.49
CA LEU B 203 -2.96 28.41 -14.27
C LEU B 203 -3.39 29.89 -14.17
N GLN B 204 -4.34 30.31 -15.04
CA GLN B 204 -4.81 31.69 -15.12
C GLN B 204 -5.61 32.09 -13.87
N GLU B 205 -6.42 31.17 -13.34
CA GLU B 205 -7.25 31.45 -12.18
C GLU B 205 -6.93 30.56 -10.98
N PHE B 206 -5.64 30.36 -10.73
CA PHE B 206 -5.19 29.51 -9.64
C PHE B 206 -5.48 30.06 -8.25
N LYS B 207 -6.17 29.27 -7.42
CA LYS B 207 -6.47 29.68 -6.05
C LYS B 207 -5.84 28.72 -5.04
N PRO B 208 -5.14 29.27 -4.03
CA PRO B 208 -4.55 28.40 -3.00
C PRO B 208 -5.63 27.75 -2.14
N ARG B 209 -5.41 26.49 -1.72
CA ARG B 209 -6.40 25.76 -0.93
C ARG B 209 -5.87 25.28 0.42
N SER B 210 -4.88 25.99 0.96
CA SER B 210 -4.28 25.71 2.27
C SER B 210 -3.39 26.87 2.72
N GLN B 211 -2.99 26.91 4.02
CA GLN B 211 -2.09 27.97 4.49
C GLN B 211 -0.71 27.84 3.87
N MET B 212 -0.26 26.60 3.61
CA MET B 212 1.02 26.37 2.95
C MET B 212 0.97 26.89 1.50
N GLU B 213 -0.17 26.70 0.81
CA GLU B 213 -0.34 27.18 -0.55
C GLU B 213 -0.42 28.70 -0.63
N ILE B 214 -1.01 29.34 0.41
CA ILE B 214 -1.06 30.80 0.49
C ILE B 214 0.36 31.32 0.73
N ASP B 215 1.13 30.65 1.62
CA ASP B 215 2.50 31.01 1.92
C ASP B 215 3.46 30.80 0.75
N PHE B 216 3.21 29.81 -0.11
CA PHE B 216 4.07 29.57 -1.27
C PHE B 216 3.92 30.70 -2.27
N LEU B 217 2.67 31.12 -2.54
CA LEU B 217 2.39 32.18 -3.49
C LEU B 217 2.80 33.54 -2.97
N GLU B 218 2.63 33.79 -1.66
CA GLU B 218 2.97 35.08 -1.08
C GLU B 218 4.46 35.23 -0.77
N LEU B 219 5.05 34.28 -0.04
CA LEU B 219 6.45 34.31 0.42
C LEU B 219 7.51 34.21 -0.68
N ALA B 220 8.74 34.66 -0.38
CA ALA B 220 9.90 34.51 -1.26
C ALA B 220 10.35 33.05 -1.18
N MET B 221 11.00 32.53 -2.22
CA MET B 221 11.44 31.13 -2.28
C MET B 221 12.15 30.64 -1.01
N ASP B 222 13.22 31.32 -0.61
CA ASP B 222 14.05 30.92 0.52
C ASP B 222 13.35 30.99 1.88
N GLU B 223 12.43 31.95 2.06
CA GLU B 223 11.73 32.04 3.34
C GLU B 223 10.56 31.07 3.42
N PHE B 224 10.02 30.59 2.27
CA PHE B 224 8.97 29.57 2.32
C PHE B 224 9.66 28.23 2.66
N ILE B 225 10.79 27.93 1.99
CA ILE B 225 11.58 26.72 2.22
C ILE B 225 12.08 26.69 3.67
N GLU B 226 12.38 27.86 4.25
CA GLU B 226 12.81 27.94 5.64
C GLU B 226 11.62 27.71 6.57
N ARG B 227 10.50 28.44 6.35
CA ARG B 227 9.28 28.29 7.15
C ARG B 227 8.77 26.85 7.24
N TYR B 228 8.79 26.10 6.13
CA TYR B 228 8.26 24.75 6.11
C TYR B 228 9.31 23.64 6.25
N LYS B 229 10.55 23.99 6.65
CA LYS B 229 11.65 23.03 6.84
C LYS B 229 11.85 22.14 5.61
N LEU B 230 11.91 22.76 4.44
CA LEU B 230 12.05 22.03 3.17
C LEU B 230 13.46 22.03 2.60
N GLU B 231 14.47 22.35 3.39
CA GLU B 231 15.86 22.36 2.95
C GLU B 231 16.32 20.93 2.62
N GLY B 232 16.93 20.75 1.44
CA GLY B 232 17.40 19.45 1.00
C GLY B 232 16.36 18.62 0.25
N TYR B 233 15.18 19.21 -0.04
CA TYR B 233 14.10 18.55 -0.77
C TYR B 233 13.92 19.03 -2.22
N ALA B 234 14.91 19.77 -2.74
CA ALA B 234 14.98 20.30 -4.10
C ALA B 234 13.74 21.06 -4.57
N PHE B 235 13.09 21.84 -3.68
CA PHE B 235 11.91 22.62 -4.07
C PHE B 235 12.27 23.75 -5.03
N GLU B 236 13.51 24.28 -4.91
CA GLU B 236 14.07 25.32 -5.77
C GLU B 236 14.01 24.87 -7.25
N HIS B 237 14.29 23.56 -7.47
CA HIS B 237 14.26 22.90 -8.77
C HIS B 237 12.83 22.37 -9.12
N ILE B 238 12.28 21.43 -8.32
CA ILE B 238 11.01 20.75 -8.54
C ILE B 238 9.81 21.67 -8.61
N VAL B 239 9.67 22.58 -7.62
CA VAL B 239 8.46 23.37 -7.54
C VAL B 239 8.63 24.79 -8.10
N TYR B 240 9.71 25.49 -7.75
CA TYR B 240 9.93 26.83 -8.23
C TYR B 240 10.37 26.87 -9.68
N GLY B 241 11.19 25.91 -10.07
CA GLY B 241 11.70 25.85 -11.43
C GLY B 241 13.05 26.52 -11.54
N ASP B 242 13.88 26.01 -12.43
CA ASP B 242 15.19 26.55 -12.68
C ASP B 242 15.19 27.05 -14.11
N PHE B 243 15.21 28.38 -14.29
CA PHE B 243 15.18 28.95 -15.63
C PHE B 243 16.54 29.49 -16.05
N SER B 244 17.64 29.05 -15.41
CA SER B 244 18.96 29.59 -15.72
C SER B 244 19.67 28.92 -16.88
N HIS B 245 19.28 27.69 -17.25
CA HIS B 245 19.93 26.99 -18.36
C HIS B 245 18.98 26.84 -19.56
N SER B 246 19.50 26.41 -20.73
CA SER B 246 18.68 26.23 -21.92
C SER B 246 17.52 25.24 -21.66
N GLN B 247 17.81 24.17 -20.89
CA GLN B 247 16.77 23.25 -20.49
C GLN B 247 16.21 23.69 -19.15
N LEU B 248 14.89 24.00 -19.13
CA LEU B 248 14.11 24.40 -17.95
C LEU B 248 14.20 23.26 -16.95
N GLY B 249 14.57 23.59 -15.73
CA GLY B 249 14.74 22.63 -14.67
C GLY B 249 13.54 22.50 -13.79
N GLY B 250 13.12 21.26 -13.57
CA GLY B 250 11.99 20.96 -12.71
C GLY B 250 10.67 21.51 -13.22
N LEU B 251 9.95 22.22 -12.32
CA LEU B 251 8.66 22.84 -12.60
C LEU B 251 7.59 21.77 -12.90
N HIS B 252 7.32 20.91 -11.90
CA HIS B 252 6.38 19.81 -12.05
C HIS B 252 5.10 19.95 -11.24
N LEU B 253 4.97 21.02 -10.44
CA LEU B 253 3.75 21.25 -9.66
C LEU B 253 3.07 22.46 -10.22
N LEU B 254 1.76 22.37 -10.44
CA LEU B 254 0.98 23.48 -10.97
C LEU B 254 1.13 24.78 -10.19
N ILE B 255 1.14 24.72 -8.86
CA ILE B 255 1.32 25.90 -8.02
C ILE B 255 2.62 26.67 -8.38
N GLY B 256 3.68 25.95 -8.75
CA GLY B 256 4.95 26.56 -9.16
C GLY B 256 4.83 27.30 -10.48
N LEU B 257 4.09 26.71 -11.43
CA LEU B 257 3.82 27.35 -12.71
C LEU B 257 2.96 28.60 -12.46
N ALA B 258 2.00 28.53 -11.52
CA ALA B 258 1.10 29.64 -11.18
C ALA B 258 1.87 30.79 -10.53
N LYS B 259 2.87 30.47 -9.69
CA LYS B 259 3.68 31.52 -9.06
C LYS B 259 4.50 32.25 -10.15
N ARG B 260 5.08 31.49 -11.08
CA ARG B 260 5.88 32.02 -12.18
C ARG B 260 5.04 32.87 -13.11
N PHE B 261 3.82 32.40 -13.41
CA PHE B 261 2.85 33.06 -14.29
C PHE B 261 2.48 34.48 -13.85
N LYS B 262 2.52 34.76 -12.55
CA LYS B 262 2.24 36.08 -12.01
C LYS B 262 3.32 37.06 -12.45
N GLU B 263 4.58 36.64 -12.43
CA GLU B 263 5.69 37.49 -12.82
C GLU B 263 5.88 37.54 -14.35
N SER B 264 6.04 36.38 -15.00
CA SER B 264 6.29 36.33 -16.43
C SER B 264 5.46 35.26 -17.11
N PRO B 265 5.04 35.49 -18.36
CA PRO B 265 4.27 34.47 -19.06
C PRO B 265 5.17 33.39 -19.67
N PHE B 266 4.55 32.31 -20.14
CA PHE B 266 5.22 31.21 -20.80
C PHE B 266 4.26 30.42 -21.68
N GLU B 267 4.79 29.68 -22.66
CA GLU B 267 3.96 28.89 -23.54
C GLU B 267 3.96 27.44 -23.11
N LEU B 268 2.75 26.86 -22.88
CA LEU B 268 2.61 25.46 -22.51
C LEU B 268 1.96 24.74 -23.67
N GLU B 269 2.71 23.94 -24.42
CA GLU B 269 2.15 23.18 -25.51
C GLU B 269 1.60 21.84 -25.02
N ASP B 270 0.27 21.73 -25.01
CA ASP B 270 -0.44 20.51 -24.63
C ASP B 270 -0.45 19.56 -25.85
N PHE B 271 0.65 18.83 -26.09
CA PHE B 271 0.78 17.96 -27.27
C PHE B 271 -0.12 16.69 -27.25
N ILE B 272 -0.63 16.27 -26.07
CA ILE B 272 -1.59 15.16 -26.00
C ILE B 272 -2.79 15.75 -25.27
N PRO B 273 -3.68 16.48 -25.96
CA PRO B 273 -4.77 17.18 -25.27
C PRO B 273 -5.93 16.29 -24.80
N MET B 274 -5.77 15.82 -23.59
CA MET B 274 -6.73 14.96 -22.93
C MET B 274 -6.59 15.11 -21.44
N ASP B 275 -7.67 14.92 -20.70
CA ASP B 275 -7.68 15.00 -19.24
C ASP B 275 -6.87 13.86 -18.68
N SER B 276 -5.88 14.17 -17.84
CA SER B 276 -5.09 13.15 -17.18
C SER B 276 -4.48 13.67 -15.89
N THR B 277 -4.25 12.76 -14.93
CA THR B 277 -3.69 13.03 -13.60
C THR B 277 -2.36 13.76 -13.74
N VAL B 278 -1.50 13.28 -14.63
CA VAL B 278 -0.28 13.97 -14.95
C VAL B 278 -0.40 14.51 -16.38
N LYS B 279 -0.09 15.78 -16.56
CA LYS B 279 -0.13 16.40 -17.88
C LYS B 279 1.29 16.62 -18.41
N ASN B 280 1.52 16.47 -19.72
CA ASN B 280 2.84 16.70 -20.29
C ASN B 280 2.81 17.91 -21.19
N TYR B 281 3.70 18.88 -20.92
CA TYR B 281 3.73 20.11 -21.72
C TYR B 281 5.08 20.39 -22.29
N PHE B 282 5.08 20.98 -23.49
CA PHE B 282 6.31 21.46 -24.09
C PHE B 282 6.33 22.92 -23.65
N ILE B 283 7.12 23.24 -22.61
CA ILE B 283 7.14 24.60 -22.09
C ILE B 283 8.31 25.47 -22.62
N THR B 284 8.03 26.76 -22.85
CA THR B 284 8.99 27.76 -23.27
C THR B 284 8.77 28.95 -22.34
N ASP B 285 9.75 29.28 -21.51
CA ASP B 285 9.64 30.43 -20.62
C ASP B 285 9.94 31.67 -21.47
N ALA B 286 9.00 32.64 -21.50
CA ALA B 286 9.16 33.82 -22.35
C ALA B 286 10.19 34.81 -21.84
N GLN B 287 10.35 34.91 -20.53
CA GLN B 287 11.31 35.84 -19.97
C GLN B 287 12.76 35.42 -20.23
N THR B 288 13.07 34.13 -20.05
CA THR B 288 14.44 33.66 -20.18
C THR B 288 14.77 32.86 -21.45
N GLY B 289 13.78 32.21 -22.05
CA GLY B 289 14.05 31.32 -23.18
C GLY B 289 14.45 29.93 -22.72
N SER B 290 14.28 29.62 -21.41
CA SER B 290 14.51 28.31 -20.85
C SER B 290 13.34 27.44 -21.33
N SER B 291 13.61 26.23 -21.84
CA SER B 291 12.52 25.39 -22.35
C SER B 291 12.72 23.89 -22.08
N LYS B 292 11.66 23.09 -22.18
CA LYS B 292 11.72 21.65 -21.98
C LYS B 292 10.61 21.02 -22.83
N CYS B 293 10.93 20.03 -23.67
CA CYS B 293 9.97 19.36 -24.53
C CYS B 293 8.88 18.62 -23.79
N VAL B 294 9.25 17.88 -22.75
CA VAL B 294 8.31 17.07 -21.99
C VAL B 294 8.45 17.43 -20.53
N CYS B 295 7.62 18.35 -20.06
CA CYS B 295 7.61 18.78 -18.68
C CYS B 295 6.33 18.26 -18.07
N SER B 296 6.45 17.23 -17.23
CA SER B 296 5.30 16.65 -16.56
C SER B 296 4.82 17.56 -15.44
N VAL B 297 3.53 17.84 -15.41
CA VAL B 297 2.93 18.72 -14.43
C VAL B 297 1.77 18.00 -13.76
N ILE B 298 1.77 18.07 -12.44
CA ILE B 298 0.71 17.52 -11.65
C ILE B 298 0.18 18.64 -10.76
N ASP B 299 -1.16 18.65 -10.60
CA ASP B 299 -1.74 19.61 -9.69
C ASP B 299 -2.09 18.95 -8.38
N LEU B 300 -1.11 18.84 -7.50
CA LEU B 300 -1.33 18.31 -6.19
C LEU B 300 -1.37 19.49 -5.25
N LEU B 301 -2.12 19.36 -4.14
CA LEU B 301 -2.14 20.36 -3.06
C LEU B 301 -0.73 20.38 -2.50
N LEU B 302 -0.10 21.55 -2.35
CA LEU B 302 1.30 21.61 -1.91
C LEU B 302 1.59 20.79 -0.64
N ASP B 303 0.62 20.71 0.28
CA ASP B 303 0.73 19.95 1.51
C ASP B 303 0.85 18.47 1.19
N ASP B 304 0.06 17.98 0.22
CA ASP B 304 0.08 16.58 -0.21
C ASP B 304 1.39 16.24 -0.87
N PHE B 305 1.92 17.13 -1.71
CA PHE B 305 3.21 16.93 -2.39
C PHE B 305 4.36 16.91 -1.37
N VAL B 306 4.30 17.80 -0.35
CA VAL B 306 5.29 17.89 0.71
C VAL B 306 5.28 16.57 1.51
N GLU B 307 4.08 16.04 1.80
CA GLU B 307 3.90 14.76 2.49
C GLU B 307 4.49 13.60 1.67
N ILE B 308 4.23 13.56 0.36
CA ILE B 308 4.77 12.51 -0.51
C ILE B 308 6.29 12.53 -0.52
N ILE B 309 6.91 13.70 -0.78
CA ILE B 309 8.37 13.79 -0.87
C ILE B 309 9.05 13.56 0.50
N LYS B 310 8.43 14.01 1.60
CA LYS B 310 8.99 13.81 2.93
C LYS B 310 8.86 12.36 3.44
N SER B 311 8.02 11.55 2.78
CA SER B 311 7.81 10.15 3.14
C SER B 311 8.68 9.20 2.31
N GLN B 312 9.71 9.71 1.62
CA GLN B 312 10.57 8.88 0.80
C GLN B 312 11.94 8.63 1.41
N ASP B 313 12.50 7.47 1.09
CA ASP B 313 13.86 7.15 1.51
C ASP B 313 14.78 7.88 0.53
N LEU B 314 15.69 8.70 1.03
CA LEU B 314 16.57 9.50 0.18
C LEU B 314 18.00 8.93 0.09
N SER B 315 18.18 7.63 0.28
CA SER B 315 19.51 7.02 0.30
C SER B 315 19.99 6.37 -1.02
N VAL B 316 19.20 6.43 -2.09
CA VAL B 316 19.60 5.81 -3.36
C VAL B 316 19.63 6.84 -4.50
N VAL B 317 20.61 6.71 -5.43
CA VAL B 317 20.77 7.61 -6.57
C VAL B 317 19.47 7.79 -7.39
N SER B 318 18.85 6.69 -7.86
CA SER B 318 17.61 6.81 -8.64
C SER B 318 16.65 5.65 -8.39
N LYS B 319 15.35 5.94 -8.31
CA LYS B 319 14.35 4.90 -8.11
C LYS B 319 12.95 5.36 -8.45
N VAL B 320 12.06 4.39 -8.72
CA VAL B 320 10.67 4.66 -9.00
C VAL B 320 9.91 4.69 -7.69
N VAL B 321 9.12 5.75 -7.47
CA VAL B 321 8.28 5.97 -6.30
C VAL B 321 6.83 5.95 -6.80
N LYS B 322 6.07 4.93 -6.42
CA LYS B 322 4.69 4.78 -6.85
C LYS B 322 3.71 5.39 -5.85
N VAL B 323 2.85 6.30 -6.33
CA VAL B 323 1.90 7.02 -5.49
C VAL B 323 0.50 6.91 -6.05
N THR B 324 -0.50 6.50 -5.25
CA THR B 324 -1.90 6.45 -5.72
C THR B 324 -2.47 7.87 -5.73
N ILE B 325 -2.81 8.36 -6.94
CA ILE B 325 -3.37 9.69 -7.18
C ILE B 325 -4.52 9.50 -8.16
N ASP B 326 -5.75 9.96 -7.78
CA ASP B 326 -6.96 9.84 -8.59
C ASP B 326 -7.28 8.38 -8.89
N TYR B 327 -7.01 7.49 -7.90
CA TYR B 327 -7.22 6.03 -7.92
C TYR B 327 -6.23 5.26 -8.80
N THR B 328 -5.34 5.95 -9.49
CA THR B 328 -4.35 5.31 -10.35
C THR B 328 -2.96 5.35 -9.71
N GLU B 329 -2.11 4.43 -10.13
CA GLU B 329 -0.73 4.40 -9.63
C GLU B 329 0.14 5.28 -10.50
N ILE B 330 0.62 6.41 -9.95
CA ILE B 330 1.50 7.31 -10.67
C ILE B 330 2.92 6.99 -10.27
N SER B 331 3.77 6.67 -11.25
CA SER B 331 5.18 6.43 -11.00
C SER B 331 5.92 7.77 -11.05
N PHE B 332 6.77 8.01 -10.06
CA PHE B 332 7.60 9.20 -9.95
C PHE B 332 9.03 8.74 -10.00
N MET B 333 9.91 9.59 -10.45
CA MET B 333 11.30 9.30 -10.50
C MET B 333 11.96 10.13 -9.43
N LEU B 334 12.60 9.49 -8.47
CA LEU B 334 13.26 10.19 -7.38
C LEU B 334 14.79 10.07 -7.53
N TRP B 335 15.46 11.22 -7.67
CA TRP B 335 16.91 11.27 -7.82
C TRP B 335 17.51 11.92 -6.60
N CYS B 336 18.44 11.21 -5.94
CA CYS B 336 19.05 11.72 -4.73
C CYS B 336 20.56 11.73 -4.82
N LYS B 337 21.20 12.50 -3.92
CA LYS B 337 22.65 12.59 -3.81
C LYS B 337 22.96 13.00 -2.38
N ASP B 338 23.80 12.22 -1.70
CA ASP B 338 24.25 12.45 -0.33
C ASP B 338 23.12 12.72 0.69
N GLY B 339 22.01 12.03 0.52
CA GLY B 339 20.88 12.16 1.42
C GLY B 339 19.91 13.28 1.12
N HIS B 340 20.17 14.05 0.06
CA HIS B 340 19.27 15.13 -0.34
C HIS B 340 18.61 14.82 -1.68
N VAL B 341 17.46 15.44 -1.94
CA VAL B 341 16.78 15.28 -3.22
C VAL B 341 17.49 16.15 -4.28
N GLU B 342 17.59 15.64 -5.51
CA GLU B 342 18.08 16.37 -6.65
C GLU B 342 16.86 16.70 -7.50
N THR B 343 16.04 15.70 -7.82
CA THR B 343 14.77 15.88 -8.54
C THR B 343 13.75 14.80 -8.15
N PHE B 344 12.49 15.09 -8.38
CA PHE B 344 11.38 14.19 -8.08
C PHE B 344 10.30 14.61 -9.04
N TYR B 345 9.98 13.75 -10.03
CA TYR B 345 9.04 14.14 -11.07
C TYR B 345 8.16 13.00 -11.51
N PRO B 346 6.91 13.28 -11.92
CA PRO B 346 6.07 12.20 -12.46
C PRO B 346 6.70 11.60 -13.72
N LYS B 347 7.22 10.38 -13.60
CA LYS B 347 7.95 9.61 -14.61
C LYS B 347 7.33 9.62 -15.99
N LEU B 348 8.16 9.97 -16.98
CA LEU B 348 7.83 10.05 -18.41
C LEU B 348 8.07 8.67 -19.05
N GLN B 349 6.99 7.88 -19.23
CA GLN B 349 7.13 6.54 -19.78
C GLN B 349 6.55 6.43 -21.20
#